data_4ZJ7
#
_entry.id   4ZJ7
#
_cell.length_a   77.263
_cell.length_b   127.758
_cell.length_c   131.789
_cell.angle_alpha   90.000
_cell.angle_beta   90.000
_cell.angle_gamma   90.000
#
_symmetry.space_group_name_H-M   'P 21 21 21'
#
loop_
_entity.id
_entity.type
_entity.pdbx_description
1 polymer 'Importin subunit beta-3'
2 polymer 'Tyrosine-protein phosphatase CDC14'
3 water water
#
loop_
_entity_poly.entity_id
_entity_poly.type
_entity_poly.pdbx_seq_one_letter_code
_entity_poly.pdbx_strand_id
1 'polypeptide(L)'
;MSALPEEVNRTLLQIVQAFASPDNQIRSVAEKALSEEWITENNIEYLLTFLAEQAAFSQDTTVAALSAVLFRKLALKAPI
THIRKEVLAQIRSSLLKGFLSERADSIRHKLSDAIAECVQDDLPAWPELLQALIESLKSGNPNFRESSFRILTTVPYLIT
AVDINSILPIFQSGFTDASDNVKIAAVTAFVGYFKQLPKSEWSKLGILLPSLLNSLPRFLDDGKDDALASVFESLIELVE
LAPKLFKDMFDQIIQFTDMVIKNKDLEPPARTTALELLTVFSENAPQMCKSNQNYGQTLVMVTLIMMTEVSIDDDDAAEW
IESDDTDDEEEVTYDHARQALDRVALKLGGEYLAAPLFQYLQQMITSTEWRERFAAMMALSSAAEGCADVLIGEIPKILD
MVIPLINDPHPRVQYGCCNVLGQISTDFSPFIQRTAHDRILPALISKLTSECTSRVQTHAAAALVNFSEFASKDILEPYL
DSLLTNLLVLLQSNKLYVQEQALTTIAFIAEAAKNKFIKYYDTLMPLLLNVLKVNNKDNSVLKGKCMECATLIGFAVGKE
KFHEHSQELISILVALQNSDIDEDDALRSYLEQSWSRICRILGDDFVPLLPIVIPPLLITAKATQDVGLIEEEEAANFQQ
YPDWDVVQVQGKHIAIHTSVLDDKVSAMELLQSYATLLRGQFAVYVKEVMEEIALPSLDFYLHDGVRAAGATLIPILLSC
LLAATGTQNEELVLLWHKASSKLIGGLMSEPMPEITQVYHNSLVNGIKVMGDNCLSEDQLAAFTKGVSANLTDTYERMQD
RHGDGDEYNENIDEEEDFTDEDLLDEINKSIAAVLKTTNGHYLKNLENIWPMINTFLLDNEPILVIFALVVIGDLIQYGG
EQTASMKNAFIPKVTECLISPDARIRQAASYIIGVCAQYAPSTYADVCIPTLDTLVQIVDFPGSKLEENRSSTENASAAI
AKILYAYNSNIPNVDTYTANWFKTLPTITDKEAASFNYQFLSQLIENNSPIVCAQSNISAVVDSVIQALNERSLTEREGQ
TVISSVKKLLGFLPSSDAMAIFNRYPADIMEKVHKWFA
;
A
2 'polypeptide(L)' TILRQLLPKNRRVTSGRRTTSAAGGIRKISGSIKK B
#
# COMPACT_ATOMS: atom_id res chain seq x y z
N ALA A 3 47.81 -11.96 29.08
CA ALA A 3 46.79 -12.09 30.10
C ALA A 3 46.22 -13.49 30.14
N LEU A 4 46.56 -14.29 29.14
CA LEU A 4 46.14 -15.68 29.07
C LEU A 4 47.32 -16.60 29.33
N PRO A 5 47.04 -17.81 29.86
CA PRO A 5 48.07 -18.84 29.92
C PRO A 5 48.62 -19.11 28.53
N GLU A 6 49.93 -19.33 28.41
CA GLU A 6 50.55 -19.52 27.10
C GLU A 6 49.93 -20.71 26.38
N GLU A 7 49.42 -21.66 27.17
CA GLU A 7 48.72 -22.83 26.65
C GLU A 7 47.60 -22.41 25.69
N VAL A 8 46.63 -21.69 26.25
CA VAL A 8 45.41 -21.29 25.54
C VAL A 8 45.67 -20.51 24.26
N ASN A 9 46.69 -19.66 24.28
CA ASN A 9 47.03 -18.84 23.12
C ASN A 9 47.33 -19.64 21.86
N ARG A 10 48.27 -20.59 21.97
CA ARG A 10 48.65 -21.40 20.81
C ARG A 10 47.48 -22.21 20.26
N THR A 11 46.61 -22.68 21.16
CA THR A 11 45.44 -23.43 20.75
C THR A 11 44.47 -22.54 19.97
N LEU A 12 44.15 -21.38 20.54
CA LEU A 12 43.23 -20.46 19.91
C LEU A 12 43.85 -19.79 18.68
N LEU A 13 45.16 -19.56 18.72
CA LEU A 13 45.85 -18.98 17.58
C LEU A 13 45.80 -19.93 16.39
N GLN A 14 45.96 -21.22 16.66
CA GLN A 14 45.88 -22.24 15.63
C GLN A 14 44.48 -22.27 15.02
N ILE A 15 43.47 -22.21 15.89
CA ILE A 15 42.07 -22.25 15.47
C ILE A 15 41.72 -21.05 14.58
N VAL A 16 42.05 -19.85 15.05
CA VAL A 16 41.75 -18.63 14.31
C VAL A 16 42.52 -18.59 12.98
N GLN A 17 43.75 -19.10 12.98
CA GLN A 17 44.54 -19.17 11.77
C GLN A 17 43.96 -20.19 10.78
N ALA A 18 43.39 -21.27 11.31
CA ALA A 18 42.84 -22.32 10.48
C ALA A 18 41.60 -21.86 9.70
N PHE A 19 40.96 -20.81 10.20
CA PHE A 19 39.79 -20.23 9.56
C PHE A 19 40.09 -19.77 8.13
N GLN A 25 39.03 -29.44 5.88
CA GLN A 25 39.38 -30.35 6.96
C GLN A 25 39.95 -29.59 8.16
N ILE A 26 41.06 -28.90 7.94
CA ILE A 26 41.71 -28.11 8.98
C ILE A 26 40.80 -26.99 9.47
N ARG A 27 40.00 -26.45 8.55
CA ARG A 27 39.14 -25.32 8.86
C ARG A 27 37.86 -25.73 9.59
N SER A 28 37.16 -26.72 9.06
CA SER A 28 35.92 -27.20 9.67
C SER A 28 36.16 -27.74 11.07
N VAL A 29 37.35 -28.31 11.27
CA VAL A 29 37.75 -28.78 12.59
C VAL A 29 37.90 -27.61 13.56
N ALA A 30 38.28 -26.46 13.03
CA ALA A 30 38.43 -25.25 13.83
C ALA A 30 37.07 -24.61 14.13
N GLU A 31 36.18 -24.64 13.14
CA GLU A 31 34.84 -24.08 13.31
C GLU A 31 34.05 -24.85 14.35
N LYS A 32 34.20 -26.17 14.34
CA LYS A 32 33.55 -27.02 15.33
C LYS A 32 34.15 -26.78 16.71
N ALA A 33 35.47 -26.68 16.77
CA ALA A 33 36.18 -26.45 18.03
C ALA A 33 35.76 -25.14 18.67
N LEU A 34 35.54 -24.11 17.85
CA LEU A 34 35.12 -22.81 18.35
C LEU A 34 33.70 -22.83 18.89
N SER A 35 32.77 -23.29 18.05
CA SER A 35 31.35 -23.22 18.37
C SER A 35 30.90 -24.25 19.42
N GLU A 36 31.59 -25.37 19.49
CA GLU A 36 31.17 -26.45 20.39
C GLU A 36 31.97 -26.49 21.68
N GLU A 37 33.24 -26.10 21.63
CA GLU A 37 34.09 -26.18 22.81
C GLU A 37 34.38 -24.82 23.44
N TRP A 38 34.59 -23.81 22.61
CA TRP A 38 35.08 -22.52 23.10
C TRP A 38 33.99 -21.47 23.30
N ILE A 39 32.74 -21.84 23.04
CA ILE A 39 31.63 -20.97 23.39
C ILE A 39 30.79 -21.67 24.46
N THR A 40 31.32 -21.69 25.67
CA THR A 40 30.66 -22.28 26.83
C THR A 40 30.76 -21.30 28.00
N GLU A 41 30.10 -21.63 29.10
CA GLU A 41 30.21 -20.81 30.30
C GLU A 41 31.63 -20.86 30.85
N ASN A 42 32.37 -21.91 30.47
CA ASN A 42 33.71 -22.13 31.00
C ASN A 42 34.84 -21.60 30.11
N ASN A 43 34.52 -21.25 28.86
CA ASN A 43 35.57 -20.86 27.92
C ASN A 43 35.33 -19.54 27.19
N ILE A 44 34.11 -19.00 27.26
CA ILE A 44 33.75 -17.83 26.48
C ILE A 44 34.55 -16.58 26.90
N GLU A 45 34.88 -16.48 28.17
CA GLU A 45 35.61 -15.32 28.68
C GLU A 45 37.05 -15.35 28.19
N TYR A 46 37.65 -16.53 28.17
CA TYR A 46 39.01 -16.69 27.66
C TYR A 46 39.07 -16.40 26.17
N LEU A 47 38.04 -16.82 25.45
CA LEU A 47 37.96 -16.63 24.01
C LEU A 47 37.85 -15.15 23.65
N LEU A 48 36.95 -14.45 24.33
CA LEU A 48 36.75 -13.02 24.09
C LEU A 48 37.99 -12.22 24.48
N THR A 49 38.68 -12.68 25.52
CA THR A 49 39.92 -12.06 25.94
C THR A 49 41.00 -12.24 24.87
N PHE A 50 41.04 -13.43 24.29
CA PHE A 50 42.00 -13.77 23.25
C PHE A 50 41.79 -12.93 21.99
N LEU A 51 40.59 -13.02 21.42
CA LEU A 51 40.26 -12.34 20.17
C LEU A 51 40.47 -10.83 20.27
N ALA A 52 40.15 -10.27 21.43
CA ALA A 52 40.34 -8.84 21.66
C ALA A 52 41.83 -8.48 21.67
N GLU A 53 42.66 -9.41 22.14
CA GLU A 53 44.10 -9.20 22.16
C GLU A 53 44.70 -9.32 20.77
N GLN A 54 44.22 -10.29 20.00
CA GLN A 54 44.68 -10.49 18.62
C GLN A 54 44.34 -9.28 17.77
N ALA A 55 43.09 -8.85 17.84
CA ALA A 55 42.62 -7.69 17.09
C ALA A 55 43.42 -6.44 17.46
N ALA A 56 43.88 -6.39 18.70
CA ALA A 56 44.58 -5.22 19.21
C ALA A 56 46.08 -5.25 18.90
N PHE A 57 46.71 -6.42 19.02
CA PHE A 57 48.16 -6.48 19.03
C PHE A 57 48.79 -7.32 17.91
N SER A 58 48.04 -8.27 17.34
CA SER A 58 48.59 -9.13 16.30
C SER A 58 48.97 -8.32 15.06
N GLN A 59 50.16 -8.58 14.53
CA GLN A 59 50.65 -7.85 13.36
C GLN A 59 50.39 -8.61 12.06
N ASP A 60 49.64 -9.69 12.15
CA ASP A 60 49.13 -10.36 10.96
C ASP A 60 47.77 -9.76 10.62
N THR A 61 47.61 -9.35 9.37
CA THR A 61 46.40 -8.65 8.93
C THR A 61 45.14 -9.48 9.12
N THR A 62 45.15 -10.70 8.60
CA THR A 62 43.97 -11.55 8.60
C THR A 62 43.55 -12.02 10.00
N VAL A 63 44.54 -12.35 10.84
CA VAL A 63 44.25 -12.79 12.20
C VAL A 63 43.60 -11.68 13.01
N ALA A 64 44.17 -10.48 12.93
CA ALA A 64 43.63 -9.33 13.65
C ALA A 64 42.24 -8.96 13.17
N ALA A 65 42.04 -9.01 11.86
CA ALA A 65 40.75 -8.66 11.26
C ALA A 65 39.65 -9.61 11.69
N LEU A 66 39.90 -10.91 11.49
CA LEU A 66 38.93 -11.94 11.82
C LEU A 66 38.56 -11.94 13.30
N SER A 67 39.58 -11.79 14.15
CA SER A 67 39.37 -11.76 15.59
C SER A 67 38.46 -10.60 15.99
N ALA A 68 38.69 -9.43 15.40
CA ALA A 68 37.86 -8.26 15.64
C ALA A 68 36.43 -8.52 15.19
N VAL A 69 36.29 -9.17 14.04
CA VAL A 69 34.98 -9.53 13.51
C VAL A 69 34.33 -10.58 14.39
N LEU A 70 35.09 -11.61 14.75
CA LEU A 70 34.58 -12.67 15.62
C LEU A 70 34.19 -12.14 17.00
N PHE A 71 35.01 -11.27 17.56
CA PHE A 71 34.75 -10.69 18.86
C PHE A 71 33.42 -9.93 18.85
N ARG A 72 33.18 -9.17 17.79
CA ARG A 72 31.96 -8.41 17.67
C ARG A 72 30.74 -9.33 17.70
N LYS A 73 30.78 -10.37 16.87
CA LYS A 73 29.66 -11.31 16.76
C LYS A 73 29.35 -12.02 18.07
N LEU A 74 30.40 -12.51 18.73
CA LEU A 74 30.24 -13.34 19.92
C LEU A 74 30.01 -12.49 21.17
N ALA A 75 30.25 -11.18 21.06
CA ALA A 75 30.02 -10.27 22.17
C ALA A 75 28.53 -10.13 22.45
N LEU A 76 27.72 -10.14 21.39
CA LEU A 76 26.27 -10.10 21.54
C LEU A 76 25.75 -11.36 22.20
N LYS A 77 26.23 -12.50 21.70
CA LYS A 77 25.67 -13.81 22.04
C LYS A 77 25.94 -14.25 23.48
N ALA A 78 27.00 -13.74 24.09
CA ALA A 78 27.44 -14.23 25.39
C ALA A 78 26.38 -14.09 26.49
N PRO A 79 25.83 -12.88 26.72
CA PRO A 79 26.11 -11.52 26.21
C PRO A 79 27.18 -10.84 27.05
N ILE A 80 27.66 -9.68 26.61
CA ILE A 80 28.74 -8.97 27.29
C ILE A 80 28.36 -8.63 28.74
N THR A 81 27.06 -8.63 29.03
CA THR A 81 26.55 -8.33 30.37
C THR A 81 27.01 -9.34 31.41
N HIS A 82 26.88 -10.63 31.09
CA HIS A 82 27.18 -11.69 32.04
C HIS A 82 28.66 -12.02 32.16
N ILE A 83 29.51 -11.09 31.71
CA ILE A 83 30.95 -11.26 31.80
C ILE A 83 31.48 -10.62 33.08
N ARG A 84 32.38 -11.31 33.77
CA ARG A 84 32.94 -10.84 35.04
C ARG A 84 33.61 -9.47 34.91
N LYS A 85 33.81 -8.82 36.06
CA LYS A 85 34.34 -7.45 36.08
C LYS A 85 35.80 -7.36 35.67
N GLU A 86 36.62 -8.24 36.23
CA GLU A 86 38.07 -8.19 36.02
C GLU A 86 38.48 -8.45 34.57
N VAL A 87 37.67 -9.22 33.85
CA VAL A 87 38.00 -9.60 32.48
C VAL A 87 37.47 -8.57 31.48
N LEU A 88 36.29 -8.02 31.74
CA LEU A 88 35.74 -6.97 30.89
C LEU A 88 36.64 -5.74 30.90
N ALA A 89 37.22 -5.45 32.06
CA ALA A 89 38.15 -4.34 32.20
C ALA A 89 39.39 -4.55 31.35
N GLN A 90 39.92 -5.77 31.37
CA GLN A 90 41.10 -6.12 30.59
C GLN A 90 40.78 -6.09 29.10
N ILE A 91 39.60 -6.60 28.75
CA ILE A 91 39.15 -6.62 27.36
C ILE A 91 39.01 -5.20 26.82
N ARG A 92 38.33 -4.35 27.59
CA ARG A 92 38.17 -2.94 27.23
C ARG A 92 39.50 -2.24 27.06
N SER A 93 40.41 -2.47 28.00
CA SER A 93 41.70 -1.80 28.00
C SER A 93 42.60 -2.24 26.85
N SER A 94 42.46 -3.50 26.44
CA SER A 94 43.25 -4.02 25.33
C SER A 94 42.70 -3.52 24.01
N LEU A 95 41.38 -3.49 23.89
CA LEU A 95 40.72 -2.95 22.70
C LEU A 95 41.09 -1.48 22.50
N LEU A 96 41.11 -0.74 23.60
CA LEU A 96 41.41 0.68 23.56
C LEU A 96 42.88 0.92 23.19
N LYS A 97 43.76 0.08 23.72
CA LYS A 97 45.19 0.19 23.43
C LYS A 97 45.46 -0.10 21.96
N GLY A 98 44.73 -1.06 21.41
CA GLY A 98 44.86 -1.40 20.00
C GLY A 98 44.37 -0.28 19.10
N PHE A 99 43.32 0.40 19.54
CA PHE A 99 42.74 1.52 18.80
C PHE A 99 43.76 2.65 18.64
N LEU A 100 44.46 2.95 19.72
CA LEU A 100 45.39 4.08 19.74
C LEU A 100 46.76 3.73 19.17
N SER A 101 46.95 2.45 18.85
CA SER A 101 48.20 2.01 18.24
C SER A 101 48.16 2.24 16.74
N GLU A 102 49.17 1.75 16.03
CA GLU A 102 49.19 1.84 14.57
C GLU A 102 48.57 0.60 13.95
N ARG A 103 47.35 0.75 13.45
CA ARG A 103 46.65 -0.33 12.77
C ARG A 103 46.23 0.11 11.37
N ALA A 104 46.02 -0.85 10.48
CA ALA A 104 45.49 -0.55 9.15
C ALA A 104 44.09 0.02 9.29
N ASP A 105 43.66 0.78 8.28
CA ASP A 105 42.36 1.45 8.32
C ASP A 105 41.20 0.48 8.56
N SER A 106 41.21 -0.64 7.84
CA SER A 106 40.13 -1.62 7.94
C SER A 106 40.08 -2.27 9.32
N ILE A 107 41.24 -2.39 9.97
CA ILE A 107 41.30 -3.03 11.28
C ILE A 107 40.83 -2.10 12.38
N ARG A 108 41.19 -0.82 12.29
CA ARG A 108 40.71 0.17 13.25
C ARG A 108 39.19 0.30 13.12
N HIS A 109 38.69 0.16 11.90
CA HIS A 109 37.25 0.12 11.66
C HIS A 109 36.63 -1.05 12.40
N LYS A 110 37.27 -2.21 12.32
CA LYS A 110 36.78 -3.41 12.97
C LYS A 110 37.02 -3.36 14.48
N LEU A 111 38.10 -2.69 14.89
CA LEU A 111 38.34 -2.44 16.30
C LEU A 111 37.23 -1.54 16.84
N SER A 112 36.89 -0.51 16.08
CA SER A 112 35.82 0.43 16.44
C SER A 112 34.50 -0.31 16.63
N ASP A 113 34.20 -1.23 15.73
CA ASP A 113 32.99 -2.02 15.80
C ASP A 113 33.02 -2.96 17.00
N ALA A 114 34.22 -3.42 17.35
CA ALA A 114 34.40 -4.31 18.49
C ALA A 114 34.24 -3.53 19.79
N ILE A 115 34.85 -2.34 19.84
CA ILE A 115 34.74 -1.44 20.99
C ILE A 115 33.28 -1.10 21.29
N ALA A 116 32.50 -0.92 20.23
CA ALA A 116 31.09 -0.57 20.36
C ALA A 116 30.29 -1.62 21.12
N GLU A 117 30.70 -2.87 21.02
CA GLU A 117 30.01 -3.96 21.71
C GLU A 117 30.30 -3.96 23.21
N CYS A 118 31.29 -3.17 23.62
CA CYS A 118 31.66 -3.10 25.02
C CYS A 118 31.09 -1.85 25.70
N VAL A 119 30.25 -1.13 24.97
CA VAL A 119 29.54 0.01 25.55
C VAL A 119 28.05 -0.28 25.62
N GLN A 120 27.51 -0.24 26.82
CA GLN A 120 26.12 -0.61 27.06
C GLN A 120 25.72 -0.19 28.46
N ASP A 121 24.48 0.26 28.61
CA ASP A 121 23.99 0.77 29.88
C ASP A 121 24.04 -0.31 30.97
N ASP A 122 24.06 -1.57 30.54
CA ASP A 122 24.30 -2.70 31.44
C ASP A 122 25.58 -2.47 32.22
N LEU A 123 26.63 -2.10 31.49
CA LEU A 123 28.00 -2.21 31.94
C LEU A 123 28.50 -1.04 32.78
N PRO A 124 29.51 -1.28 33.63
CA PRO A 124 30.23 -0.23 34.34
C PRO A 124 30.75 0.83 33.37
N ALA A 125 30.79 2.09 33.81
CA ALA A 125 31.18 3.20 32.96
C ALA A 125 32.58 3.01 32.36
N TRP A 126 32.75 3.49 31.14
CA TRP A 126 34.03 3.40 30.44
C TRP A 126 34.51 4.78 30.02
N PRO A 127 34.95 5.61 30.98
CA PRO A 127 35.37 6.97 30.68
C PRO A 127 36.72 7.03 29.96
N GLU A 128 37.41 5.90 29.91
CA GLU A 128 38.67 5.82 29.18
C GLU A 128 38.43 5.91 27.67
N LEU A 129 37.27 5.44 27.23
CA LEU A 129 36.91 5.49 25.83
C LEU A 129 36.54 6.91 25.39
N LEU A 130 35.70 7.57 26.19
CA LEU A 130 35.27 8.92 25.90
C LEU A 130 36.45 9.88 25.74
N GLN A 131 37.44 9.72 26.61
CA GLN A 131 38.63 10.58 26.56
C GLN A 131 39.54 10.13 25.43
N ALA A 132 39.44 8.87 25.04
CA ALA A 132 40.22 8.37 23.92
C ALA A 132 39.67 8.91 22.59
N LEU A 133 38.35 9.06 22.53
CA LEU A 133 37.69 9.56 21.33
C LEU A 133 37.94 11.05 21.13
N ILE A 134 37.88 11.81 22.23
CA ILE A 134 38.06 13.25 22.19
C ILE A 134 39.43 13.65 21.63
N GLU A 135 40.47 12.93 22.04
CA GLU A 135 41.83 13.22 21.56
C GLU A 135 42.05 12.68 20.15
N SER A 136 41.41 11.57 19.83
CA SER A 136 41.52 10.98 18.49
C SER A 136 40.87 11.87 17.44
N LEU A 137 39.88 12.65 17.86
CA LEU A 137 39.17 13.56 16.98
C LEU A 137 40.04 14.75 16.59
N LYS A 138 41.08 15.00 17.38
CA LYS A 138 41.99 16.11 17.11
C LYS A 138 43.24 15.62 16.37
N SER A 139 43.37 14.31 16.25
CA SER A 139 44.55 13.69 15.61
C SER A 139 44.75 14.16 14.18
N GLY A 140 46.01 14.13 13.73
CA GLY A 140 46.36 14.54 12.38
C GLY A 140 46.12 13.44 11.38
N ASN A 141 45.75 12.26 11.86
CA ASN A 141 45.41 11.14 11.00
C ASN A 141 43.91 11.07 10.77
N PRO A 142 43.48 11.23 9.51
CA PRO A 142 42.06 11.20 9.13
C PRO A 142 41.35 9.93 9.59
N ASN A 143 42.05 8.80 9.57
CA ASN A 143 41.47 7.53 9.97
C ASN A 143 41.10 7.52 11.46
N PHE A 144 41.90 8.21 12.27
CA PHE A 144 41.61 8.34 13.70
C PHE A 144 40.35 9.18 13.92
N ARG A 145 40.22 10.26 13.16
CA ARG A 145 39.06 11.13 13.26
C ARG A 145 37.81 10.45 12.71
N GLU A 146 37.98 9.75 11.59
CA GLU A 146 36.88 9.03 10.95
C GLU A 146 36.35 7.91 11.84
N SER A 147 37.25 7.13 12.40
CA SER A 147 36.87 5.98 13.23
C SER A 147 36.18 6.42 14.51
N SER A 148 36.52 7.61 14.99
CA SER A 148 35.88 8.16 16.19
C SER A 148 34.41 8.46 15.93
N PHE A 149 34.13 9.11 14.81
CA PHE A 149 32.75 9.41 14.42
C PHE A 149 31.99 8.11 14.14
N ARG A 150 32.71 7.11 13.64
CA ARG A 150 32.13 5.79 13.38
C ARG A 150 31.60 5.18 14.67
N ILE A 151 32.37 5.32 15.74
CA ILE A 151 31.97 4.82 17.06
C ILE A 151 30.78 5.62 17.57
N LEU A 152 30.80 6.93 17.34
CA LEU A 152 29.68 7.80 17.72
C LEU A 152 28.43 7.44 16.92
N THR A 153 28.63 6.87 15.73
CA THR A 153 27.51 6.42 14.91
C THR A 153 26.93 5.13 15.46
N THR A 154 27.80 4.19 15.81
CA THR A 154 27.37 2.91 16.35
C THR A 154 26.83 3.04 17.77
N VAL A 155 27.46 3.93 18.54
CA VAL A 155 27.02 4.18 19.92
C VAL A 155 26.68 5.66 20.10
N PRO A 156 25.49 6.07 19.63
CA PRO A 156 25.09 7.48 19.65
C PRO A 156 24.88 8.05 21.06
N TYR A 157 24.77 7.18 22.06
CA TYR A 157 24.57 7.66 23.43
C TYR A 157 25.85 8.24 24.03
N LEU A 158 26.97 7.98 23.38
CA LEU A 158 28.24 8.57 23.79
C LEU A 158 28.21 10.08 23.54
N ILE A 159 27.42 10.49 22.54
CA ILE A 159 27.24 11.89 22.23
C ILE A 159 26.55 12.62 23.38
N THR A 160 25.64 11.90 24.05
CA THR A 160 24.95 12.44 25.22
C THR A 160 25.91 12.57 26.40
N ALA A 161 26.90 11.69 26.45
CA ALA A 161 27.84 11.64 27.57
C ALA A 161 28.84 12.80 27.57
N VAL A 162 29.30 13.17 26.38
CA VAL A 162 30.24 14.29 26.24
C VAL A 162 29.57 15.60 26.62
N ASP A 163 30.32 16.49 27.26
CA ASP A 163 29.81 17.82 27.60
C ASP A 163 29.40 18.57 26.34
N ILE A 164 28.31 19.31 26.44
CA ILE A 164 27.71 19.96 25.26
C ILE A 164 28.65 20.96 24.59
N ASN A 165 29.51 21.61 25.36
CA ASN A 165 30.44 22.59 24.81
C ASN A 165 31.69 21.96 24.23
N SER A 166 31.74 20.63 24.26
CA SER A 166 32.82 19.89 23.61
C SER A 166 32.31 19.18 22.36
N ILE A 167 31.10 18.63 22.45
CA ILE A 167 30.54 17.84 21.36
C ILE A 167 30.10 18.71 20.18
N LEU A 168 29.70 19.95 20.45
CA LEU A 168 29.29 20.86 19.39
C LEU A 168 30.47 21.32 18.52
N PRO A 169 31.60 21.73 19.14
CA PRO A 169 32.75 22.07 18.28
C PRO A 169 33.29 20.85 17.53
N ILE A 170 33.11 19.67 18.11
CA ILE A 170 33.60 18.43 17.51
C ILE A 170 32.91 18.15 16.17
N PHE A 171 31.59 18.31 16.14
CA PHE A 171 30.83 18.11 14.91
C PHE A 171 31.06 19.25 13.92
N GLN A 172 31.18 20.47 14.43
CA GLN A 172 31.45 21.63 13.58
C GLN A 172 32.81 21.51 12.92
N SER A 173 33.77 20.96 13.65
CA SER A 173 35.09 20.66 13.09
C SER A 173 34.97 19.53 12.08
N GLY A 174 34.08 18.58 12.35
CA GLY A 174 33.87 17.45 11.49
C GLY A 174 33.27 17.81 10.14
N PHE A 175 32.30 18.72 10.15
CA PHE A 175 31.64 19.14 8.91
C PHE A 175 32.60 19.86 7.97
N THR A 176 33.66 20.42 8.53
CA THR A 176 34.55 21.34 7.81
C THR A 176 35.90 20.68 7.52
N ASP A 177 36.15 19.55 8.20
CA ASP A 177 37.40 18.79 8.07
C ASP A 177 37.93 18.69 6.64
N ALA A 178 39.25 18.76 6.49
CA ALA A 178 39.89 18.74 5.18
C ALA A 178 39.74 17.38 4.49
N SER A 179 39.53 16.34 5.29
CA SER A 179 39.32 15.00 4.74
C SER A 179 37.84 14.74 4.49
N ASP A 180 37.52 14.28 3.29
CA ASP A 180 36.14 14.04 2.91
C ASP A 180 35.58 12.80 3.60
N ASN A 181 36.46 11.83 3.88
CA ASN A 181 36.05 10.65 4.63
C ASN A 181 35.59 11.02 6.03
N VAL A 182 36.28 11.98 6.63
CA VAL A 182 35.92 12.46 7.96
C VAL A 182 34.60 13.21 7.92
N LYS A 183 34.43 14.07 6.91
CA LYS A 183 33.21 14.84 6.75
C LYS A 183 32.00 13.93 6.59
N ILE A 184 32.11 12.92 5.73
CA ILE A 184 31.04 11.96 5.51
C ILE A 184 30.68 11.24 6.82
N ALA A 185 31.70 10.85 7.57
CA ALA A 185 31.50 10.15 8.84
C ALA A 185 30.91 11.09 9.90
N ALA A 186 31.29 12.36 9.85
CA ALA A 186 30.78 13.35 10.78
C ALA A 186 29.29 13.60 10.54
N VAL A 187 28.92 13.73 9.28
CA VAL A 187 27.52 13.93 8.91
C VAL A 187 26.71 12.68 9.24
N THR A 188 27.29 11.51 8.98
CA THR A 188 26.63 10.24 9.26
C THR A 188 26.34 10.09 10.75
N ALA A 189 27.32 10.45 11.57
CA ALA A 189 27.16 10.39 13.02
C ALA A 189 26.11 11.41 13.51
N PHE A 190 26.12 12.59 12.90
CA PHE A 190 25.19 13.65 13.26
C PHE A 190 23.75 13.23 13.00
N VAL A 191 23.48 12.71 11.80
CA VAL A 191 22.14 12.27 11.44
C VAL A 191 21.75 11.01 12.24
N GLY A 192 22.71 10.11 12.42
CA GLY A 192 22.49 8.89 13.17
C GLY A 192 22.03 9.14 14.59
N TYR A 193 22.47 10.26 15.14
CA TYR A 193 22.05 10.71 16.47
C TYR A 193 20.53 10.88 16.55
N PHE A 194 19.95 11.38 15.46
CA PHE A 194 18.52 11.68 15.43
C PHE A 194 17.65 10.44 15.22
N LYS A 195 18.18 9.45 14.51
CA LYS A 195 17.40 8.25 14.20
C LYS A 195 17.47 7.22 15.32
N GLN A 196 18.26 7.49 16.35
CA GLN A 196 18.47 6.53 17.42
C GLN A 196 17.91 7.02 18.77
N LEU A 197 18.01 8.31 19.02
CA LEU A 197 17.59 8.88 20.30
C LEU A 197 16.19 9.46 20.23
N PRO A 198 15.50 9.52 21.40
CA PRO A 198 14.18 10.16 21.48
C PRO A 198 14.22 11.63 21.10
N LYS A 199 13.07 12.18 20.72
CA LYS A 199 12.98 13.58 20.29
C LYS A 199 13.37 14.56 21.39
N SER A 200 13.25 14.13 22.63
CA SER A 200 13.58 14.98 23.78
C SER A 200 15.08 15.26 23.85
N GLU A 201 15.85 14.53 23.06
CA GLU A 201 17.30 14.71 23.02
C GLU A 201 17.75 15.46 21.77
N TRP A 202 16.80 15.71 20.87
CA TRP A 202 17.11 16.33 19.58
C TRP A 202 17.53 17.79 19.72
N SER A 203 16.82 18.56 20.53
CA SER A 203 17.16 19.97 20.74
C SER A 203 18.44 20.09 21.54
N LYS A 204 19.53 19.60 20.97
CA LYS A 204 20.81 19.54 21.64
C LYS A 204 21.92 19.53 20.60
N LEU A 205 21.65 18.84 19.48
CA LEU A 205 22.53 18.89 18.32
C LEU A 205 21.82 19.57 17.16
N GLY A 206 20.51 19.82 17.33
CA GLY A 206 19.71 20.42 16.29
C GLY A 206 20.20 21.78 15.84
N ILE A 207 20.82 22.51 16.75
CA ILE A 207 21.33 23.85 16.46
C ILE A 207 22.54 23.82 15.52
N LEU A 208 23.01 22.62 15.19
CA LEU A 208 24.19 22.46 14.34
C LEU A 208 23.84 22.34 12.85
N LEU A 209 22.56 22.21 12.54
CA LEU A 209 22.12 22.08 11.15
C LEU A 209 22.57 23.24 10.25
N PRO A 210 22.49 24.50 10.75
CA PRO A 210 23.04 25.58 9.90
C PRO A 210 24.54 25.42 9.60
N SER A 211 25.29 24.87 10.54
CA SER A 211 26.71 24.62 10.33
C SER A 211 26.90 23.58 9.22
N LEU A 212 26.05 22.55 9.24
CA LEU A 212 26.09 21.50 8.23
C LEU A 212 25.76 22.04 6.85
N LEU A 213 24.66 22.80 6.76
CA LEU A 213 24.21 23.37 5.49
C LEU A 213 25.23 24.34 4.91
N ASN A 214 25.86 25.13 5.78
CA ASN A 214 26.86 26.11 5.34
C ASN A 214 28.16 25.45 4.88
N SER A 215 28.33 24.17 5.17
CA SER A 215 29.53 23.44 4.77
C SER A 215 29.39 22.86 3.37
N LEU A 216 28.16 22.85 2.86
CA LEU A 216 27.85 22.22 1.57
C LEU A 216 28.53 22.85 0.35
N PRO A 217 28.57 24.19 0.23
CA PRO A 217 29.19 24.76 -0.98
C PRO A 217 30.67 24.39 -1.16
N ARG A 218 31.31 23.93 -0.09
CA ARG A 218 32.71 23.54 -0.14
C ARG A 218 32.94 22.34 -1.06
N PHE A 219 31.96 21.46 -1.13
CA PHE A 219 32.06 20.25 -1.94
C PHE A 219 32.15 20.56 -3.43
N LEU A 220 31.49 21.65 -3.86
CA LEU A 220 31.50 22.04 -5.26
C LEU A 220 32.79 22.75 -5.63
N ASP A 221 33.39 23.43 -4.67
CA ASP A 221 34.64 24.15 -4.89
C ASP A 221 35.81 23.18 -5.07
N ASP A 222 35.85 22.15 -4.23
CA ASP A 222 36.90 21.14 -4.30
C ASP A 222 36.64 20.17 -5.44
N GLY A 223 35.48 20.28 -6.06
CA GLY A 223 35.11 19.41 -7.16
C GLY A 223 34.90 17.98 -6.69
N LYS A 224 34.34 17.82 -5.50
CA LYS A 224 34.07 16.51 -4.93
C LYS A 224 32.57 16.25 -4.83
N ASP A 225 31.93 16.08 -5.98
CA ASP A 225 30.49 15.84 -6.05
C ASP A 225 30.11 14.45 -5.56
N ASP A 226 31.06 13.52 -5.62
CA ASP A 226 30.82 12.16 -5.16
C ASP A 226 30.61 12.12 -3.65
N ALA A 227 31.40 12.92 -2.92
CA ALA A 227 31.24 13.03 -1.48
C ALA A 227 29.99 13.83 -1.15
N LEU A 228 29.62 14.72 -2.06
CA LEU A 228 28.41 15.53 -1.91
C LEU A 228 27.16 14.66 -1.92
N ALA A 229 27.16 13.65 -2.78
CA ALA A 229 26.04 12.74 -2.90
C ALA A 229 25.79 11.98 -1.60
N SER A 230 26.86 11.54 -0.96
CA SER A 230 26.76 10.82 0.31
C SER A 230 26.15 11.69 1.40
N VAL A 231 26.57 12.95 1.44
CA VAL A 231 26.04 13.91 2.42
C VAL A 231 24.57 14.20 2.14
N PHE A 232 24.23 14.31 0.86
CA PHE A 232 22.85 14.51 0.45
C PHE A 232 21.95 13.38 0.96
N GLU A 233 22.44 12.15 0.85
CA GLU A 233 21.67 10.99 1.27
C GLU A 233 21.45 10.98 2.79
N SER A 234 22.44 11.47 3.54
CA SER A 234 22.28 11.60 4.98
C SER A 234 21.28 12.70 5.31
N LEU A 235 21.32 13.77 4.52
CA LEU A 235 20.38 14.88 4.69
C LEU A 235 18.96 14.45 4.36
N ILE A 236 18.82 13.57 3.36
CA ILE A 236 17.53 13.03 2.97
C ILE A 236 16.89 12.28 4.14
N GLU A 237 17.72 11.60 4.92
CA GLU A 237 17.24 10.87 6.09
C GLU A 237 16.81 11.81 7.21
N LEU A 238 17.51 12.94 7.33
CA LEU A 238 17.20 13.91 8.38
C LEU A 238 15.89 14.64 8.10
N VAL A 239 15.57 14.84 6.83
CA VAL A 239 14.33 15.50 6.44
C VAL A 239 13.13 14.62 6.82
N GLU A 240 13.31 13.31 6.72
CA GLU A 240 12.26 12.37 7.06
C GLU A 240 12.05 12.26 8.57
N LEU A 241 13.04 12.69 9.34
CA LEU A 241 12.97 12.63 10.79
C LEU A 241 12.56 13.97 11.40
N ALA A 242 13.16 15.05 10.92
CA ALA A 242 12.88 16.37 11.47
C ALA A 242 12.88 17.45 10.39
N PRO A 243 11.82 17.49 9.56
CA PRO A 243 11.72 18.44 8.45
C PRO A 243 11.64 19.90 8.91
N LYS A 244 10.98 20.16 10.03
CA LYS A 244 10.82 21.53 10.52
C LYS A 244 12.14 22.19 10.90
N LEU A 245 13.17 21.37 11.09
CA LEU A 245 14.50 21.86 11.41
C LEU A 245 15.08 22.66 10.24
N PHE A 246 14.56 22.38 9.04
CA PHE A 246 15.04 23.01 7.81
C PHE A 246 14.27 24.29 7.46
N LYS A 247 13.31 24.66 8.29
CA LYS A 247 12.34 25.70 7.96
C LYS A 247 12.92 27.06 7.60
N ASP A 248 13.78 27.60 8.47
CA ASP A 248 14.26 28.97 8.28
C ASP A 248 15.45 29.07 7.33
N MET A 249 15.90 27.93 6.82
CA MET A 249 16.96 27.91 5.83
C MET A 249 16.50 27.14 4.60
N PHE A 250 15.17 27.02 4.48
CA PHE A 250 14.53 26.28 3.40
C PHE A 250 14.96 26.79 2.02
N ASP A 251 14.91 28.10 1.85
CA ASP A 251 15.23 28.72 0.57
C ASP A 251 16.68 28.49 0.15
N GLN A 252 17.56 28.33 1.14
CA GLN A 252 18.97 28.08 0.86
C GLN A 252 19.18 26.65 0.37
N ILE A 253 18.44 25.71 0.96
CA ILE A 253 18.44 24.33 0.50
C ILE A 253 17.96 24.24 -0.94
N ILE A 254 16.85 24.93 -1.20
CA ILE A 254 16.23 24.93 -2.53
C ILE A 254 17.16 25.48 -3.60
N GLN A 255 17.79 26.62 -3.30
CA GLN A 255 18.69 27.26 -4.24
C GLN A 255 19.95 26.43 -4.48
N PHE A 256 20.40 25.72 -3.45
CA PHE A 256 21.60 24.91 -3.55
C PHE A 256 21.38 23.65 -4.38
N THR A 257 20.25 22.98 -4.13
CA THR A 257 19.90 21.81 -4.93
C THR A 257 19.69 22.21 -6.38
N ASP A 258 19.11 23.39 -6.59
CA ASP A 258 18.89 23.94 -7.91
C ASP A 258 20.21 24.15 -8.66
N MET A 259 21.20 24.68 -7.95
CA MET A 259 22.51 24.97 -8.52
C MET A 259 23.24 23.69 -8.92
N VAL A 260 23.15 22.67 -8.08
CA VAL A 260 23.80 21.40 -8.34
C VAL A 260 23.21 20.70 -9.56
N ILE A 261 21.89 20.69 -9.64
CA ILE A 261 21.19 20.00 -10.72
C ILE A 261 21.39 20.67 -12.07
N LYS A 262 21.40 22.00 -12.08
CA LYS A 262 21.61 22.75 -13.31
C LYS A 262 23.04 22.57 -13.83
N ASN A 263 23.97 22.33 -12.93
CA ASN A 263 25.35 22.04 -13.29
C ASN A 263 25.45 20.64 -13.89
N LYS A 264 25.18 20.52 -15.19
CA LYS A 264 25.23 19.22 -15.85
C LYS A 264 26.61 18.93 -16.43
N ASP A 265 27.63 19.44 -15.75
CA ASP A 265 29.01 18.99 -15.98
C ASP A 265 29.36 18.08 -14.82
N LEU A 266 28.49 18.05 -13.82
CA LEU A 266 28.59 17.13 -12.70
C LEU A 266 28.11 15.76 -13.12
N GLU A 267 28.48 14.74 -12.35
CA GLU A 267 27.98 13.39 -12.58
C GLU A 267 26.58 13.25 -12.01
N PRO A 268 25.80 12.27 -12.52
CA PRO A 268 24.43 12.02 -12.04
C PRO A 268 24.23 11.86 -10.52
N PRO A 269 25.12 11.15 -9.78
CA PRO A 269 24.83 10.94 -8.36
C PRO A 269 24.58 12.21 -7.56
N ALA A 270 25.40 13.24 -7.76
CA ALA A 270 25.22 14.50 -7.06
C ALA A 270 23.92 15.18 -7.47
N ARG A 271 23.54 14.99 -8.73
CA ARG A 271 22.36 15.64 -9.29
C ARG A 271 21.07 14.91 -8.94
N THR A 272 21.13 13.57 -8.89
CA THR A 272 19.96 12.78 -8.57
C THR A 272 19.63 12.83 -7.09
N THR A 273 20.66 12.78 -6.25
CA THR A 273 20.48 12.87 -4.81
C THR A 273 20.01 14.26 -4.39
N ALA A 274 20.48 15.29 -5.10
CA ALA A 274 20.01 16.65 -4.86
C ALA A 274 18.54 16.77 -5.19
N LEU A 275 18.13 16.13 -6.28
CA LEU A 275 16.73 16.09 -6.68
C LEU A 275 15.89 15.36 -5.63
N GLU A 276 16.42 14.25 -5.14
CA GLU A 276 15.73 13.45 -4.13
C GLU A 276 15.55 14.23 -2.83
N LEU A 277 16.57 15.01 -2.47
CA LEU A 277 16.51 15.86 -1.30
C LEU A 277 15.36 16.85 -1.44
N LEU A 278 15.28 17.49 -2.60
CA LEU A 278 14.22 18.44 -2.90
C LEU A 278 12.85 17.76 -2.86
N THR A 279 12.76 16.60 -3.51
CA THR A 279 11.51 15.84 -3.60
C THR A 279 10.96 15.45 -2.24
N VAL A 280 11.84 14.99 -1.36
CA VAL A 280 11.44 14.39 -0.09
C VAL A 280 10.79 15.39 0.88
N PHE A 281 11.08 16.68 0.71
CA PHE A 281 10.43 17.72 1.50
C PHE A 281 8.92 17.72 1.32
N SER A 282 8.46 17.38 0.11
CA SER A 282 7.04 17.38 -0.20
C SER A 282 6.32 16.19 0.46
N GLU A 283 7.09 15.19 0.85
CA GLU A 283 6.52 13.98 1.43
C GLU A 283 6.56 13.99 2.96
N ASN A 284 7.30 14.93 3.53
CA ASN A 284 7.44 15.01 4.98
C ASN A 284 7.00 16.35 5.55
N ALA A 285 6.99 17.38 4.70
CA ALA A 285 6.51 18.69 5.11
C ALA A 285 5.74 19.38 3.99
N PRO A 286 4.52 18.89 3.70
CA PRO A 286 3.69 19.47 2.63
C PRO A 286 3.23 20.90 2.90
N GLN A 287 2.90 21.23 4.14
CA GLN A 287 2.47 22.59 4.46
C GLN A 287 3.61 23.59 4.30
N MET A 288 4.82 23.15 4.63
CA MET A 288 6.00 24.00 4.51
C MET A 288 6.32 24.28 3.06
N CYS A 289 6.13 23.27 2.21
CA CYS A 289 6.35 23.42 0.77
C CYS A 289 5.32 24.36 0.15
N LYS A 290 4.08 24.29 0.64
CA LYS A 290 2.99 25.07 0.08
C LYS A 290 3.04 26.54 0.51
N SER A 291 3.60 26.79 1.69
CA SER A 291 3.71 28.16 2.20
C SER A 291 4.86 28.90 1.54
N ASN A 292 5.52 28.24 0.59
CA ASN A 292 6.68 28.77 -0.09
C ASN A 292 6.58 28.51 -1.59
N GLN A 293 6.34 29.57 -2.36
CA GLN A 293 6.13 29.44 -3.80
C GLN A 293 7.41 29.08 -4.55
N ASN A 294 8.55 29.32 -3.91
CA ASN A 294 9.85 29.07 -4.54
C ASN A 294 10.15 27.58 -4.69
N TYR A 295 9.61 26.76 -3.79
CA TYR A 295 9.83 25.32 -3.84
C TYR A 295 9.24 24.71 -5.11
N GLY A 296 7.94 24.88 -5.28
CA GLY A 296 7.22 24.32 -6.41
C GLY A 296 7.78 24.78 -7.75
N GLN A 297 8.14 26.05 -7.82
CA GLN A 297 8.71 26.62 -9.04
C GLN A 297 10.06 26.00 -9.36
N THR A 298 10.89 25.84 -8.32
CA THR A 298 12.21 25.25 -8.49
C THR A 298 12.10 23.77 -8.86
N LEU A 299 11.21 23.07 -8.19
CA LEU A 299 11.01 21.63 -8.42
C LEU A 299 10.57 21.38 -9.86
N VAL A 300 9.58 22.15 -10.31
CA VAL A 300 9.08 22.02 -11.68
C VAL A 300 10.16 22.34 -12.69
N MET A 301 10.86 23.45 -12.47
CA MET A 301 11.92 23.90 -13.36
C MET A 301 13.05 22.87 -13.48
N VAL A 302 13.45 22.30 -12.35
CA VAL A 302 14.58 21.39 -12.30
C VAL A 302 14.26 20.04 -12.93
N THR A 303 13.04 19.54 -12.72
CA THR A 303 12.64 18.26 -13.29
C THR A 303 12.47 18.37 -14.81
N LEU A 304 12.03 19.54 -15.25
CA LEU A 304 11.85 19.79 -16.68
C LEU A 304 13.19 19.84 -17.42
N ILE A 305 14.21 20.36 -16.75
CA ILE A 305 15.55 20.40 -17.30
C ILE A 305 16.11 18.99 -17.47
N MET A 306 15.90 18.15 -16.46
CA MET A 306 16.44 16.80 -16.45
C MET A 306 15.72 15.87 -17.43
N MET A 307 14.43 16.14 -17.69
CA MET A 307 13.66 15.34 -18.64
C MET A 307 14.10 15.60 -20.08
N THR A 308 14.85 16.68 -20.26
CA THR A 308 15.36 17.06 -21.57
C THR A 308 16.54 16.17 -21.96
N GLU A 309 17.27 15.71 -20.95
CA GLU A 309 18.49 14.93 -21.16
C GLU A 309 18.20 13.53 -21.71
N VAL A 310 17.82 13.46 -22.98
CA VAL A 310 17.61 12.19 -23.66
C VAL A 310 18.29 12.18 -25.02
N SER A 311 18.65 10.99 -25.48
CA SER A 311 19.27 10.80 -26.79
C SER A 311 20.49 11.69 -27.01
N ILE A 312 21.40 11.68 -26.04
CA ILE A 312 22.62 12.48 -26.15
C ILE A 312 23.44 12.05 -27.36
N ASP A 313 23.93 13.03 -28.11
CA ASP A 313 24.69 12.79 -29.34
C ASP A 313 23.90 11.97 -30.36
N ASP A 314 22.58 12.23 -30.43
CA ASP A 314 21.71 11.50 -31.35
C ASP A 314 20.43 12.28 -31.59
N ASP A 315 20.53 13.38 -32.33
CA ASP A 315 19.40 14.29 -32.55
C ASP A 315 18.30 13.67 -33.42
N ASP A 316 18.68 12.70 -34.25
CA ASP A 316 17.71 12.02 -35.11
C ASP A 316 16.95 10.95 -34.32
N ALA A 317 17.44 10.66 -33.12
CA ALA A 317 16.93 9.56 -32.30
C ALA A 317 16.96 8.26 -33.10
N ALA A 318 17.99 8.11 -33.93
CA ALA A 318 18.11 6.97 -34.83
C ALA A 318 18.44 5.68 -34.09
N GLU A 319 18.83 5.81 -32.84
CA GLU A 319 19.09 4.64 -31.99
C GLU A 319 17.81 4.27 -31.24
N TRP A 320 17.02 5.28 -30.90
CA TRP A 320 15.78 5.10 -30.18
C TRP A 320 14.69 4.52 -31.08
N ILE A 321 14.73 4.90 -32.36
CA ILE A 321 13.79 4.39 -33.35
C ILE A 321 14.00 2.89 -33.59
N GLU A 322 15.25 2.46 -33.46
CA GLU A 322 15.63 1.10 -33.86
C GLU A 322 15.63 0.09 -32.71
N SER A 323 15.12 0.48 -31.55
CA SER A 323 15.21 -0.38 -30.37
C SER A 323 13.86 -0.87 -29.85
N ASP A 324 13.89 -1.51 -28.69
CA ASP A 324 12.70 -2.06 -28.04
C ASP A 324 11.68 -0.99 -27.69
N ASP A 325 10.49 -1.43 -27.25
CA ASP A 325 9.53 -0.53 -26.66
C ASP A 325 9.72 -0.54 -25.14
N THR A 326 10.87 -1.06 -24.72
CA THR A 326 11.29 -1.00 -23.32
C THR A 326 12.08 0.29 -23.10
N ASP A 327 12.26 0.67 -21.84
CA ASP A 327 12.95 1.91 -21.52
C ASP A 327 14.47 1.78 -21.58
N ASP A 328 15.13 2.84 -22.02
CA ASP A 328 16.59 2.91 -22.04
C ASP A 328 17.10 3.13 -20.62
N GLU A 329 17.81 2.13 -20.11
CA GLU A 329 18.29 2.13 -18.74
C GLU A 329 19.36 3.20 -18.50
N GLU A 330 19.87 3.77 -19.59
CA GLU A 330 20.96 4.75 -19.51
C GLU A 330 20.47 6.19 -19.26
N GLU A 331 19.19 6.43 -19.54
CA GLU A 331 18.61 7.76 -19.33
C GLU A 331 18.16 7.93 -17.88
N VAL A 332 19.14 7.95 -16.98
CA VAL A 332 18.90 7.92 -15.54
C VAL A 332 18.29 9.21 -15.00
N THR A 333 18.89 10.34 -15.35
CA THR A 333 18.41 11.65 -14.87
C THR A 333 17.01 11.93 -15.38
N TYR A 334 16.72 11.48 -16.59
CA TYR A 334 15.39 11.61 -17.17
C TYR A 334 14.36 10.80 -16.38
N ASP A 335 14.74 9.59 -15.99
CA ASP A 335 13.86 8.72 -15.22
C ASP A 335 13.57 9.29 -13.83
N HIS A 336 14.60 9.80 -13.18
CA HIS A 336 14.47 10.38 -11.85
C HIS A 336 13.57 11.61 -11.85
N ALA A 337 13.71 12.43 -12.89
CA ALA A 337 12.91 13.65 -13.02
C ALA A 337 11.43 13.32 -13.17
N ARG A 338 11.12 12.28 -13.92
CA ARG A 338 9.73 11.85 -14.11
C ARG A 338 9.09 11.43 -12.80
N GLN A 339 9.77 10.57 -12.06
CA GLN A 339 9.25 10.06 -10.80
C GLN A 339 9.20 11.15 -9.73
N ALA A 340 10.13 12.09 -9.79
CA ALA A 340 10.17 13.19 -8.82
C ALA A 340 8.97 14.09 -8.98
N LEU A 341 8.71 14.53 -10.21
CA LEU A 341 7.56 15.39 -10.50
C LEU A 341 6.26 14.70 -10.10
N ASP A 342 6.17 13.41 -10.42
CA ASP A 342 5.01 12.60 -10.09
C ASP A 342 4.79 12.55 -8.57
N ARG A 343 5.83 12.20 -7.83
CA ARG A 343 5.76 12.08 -6.37
C ARG A 343 5.36 13.39 -5.69
N VAL A 344 5.90 14.50 -6.18
CA VAL A 344 5.62 15.81 -5.60
C VAL A 344 4.19 16.26 -5.91
N ALA A 345 3.77 16.03 -7.16
CA ALA A 345 2.43 16.40 -7.58
C ALA A 345 1.37 15.64 -6.79
N LEU A 346 1.66 14.38 -6.49
CA LEU A 346 0.74 13.54 -5.72
C LEU A 346 0.55 14.06 -4.30
N LYS A 347 1.59 14.68 -3.75
CA LYS A 347 1.56 15.15 -2.38
C LYS A 347 1.02 16.57 -2.23
N LEU A 348 1.38 17.45 -3.16
CA LEU A 348 1.05 18.86 -3.02
C LEU A 348 -0.24 19.25 -3.76
N GLY A 349 -0.62 18.46 -4.76
CA GLY A 349 -1.87 18.69 -5.47
C GLY A 349 -1.76 19.72 -6.59
N GLY A 350 -2.83 19.83 -7.37
CA GLY A 350 -2.85 20.69 -8.53
C GLY A 350 -2.90 22.18 -8.23
N GLU A 351 -3.73 22.57 -7.26
CA GLU A 351 -3.93 23.98 -6.96
C GLU A 351 -2.64 24.69 -6.54
N TYR A 352 -1.63 23.94 -6.14
CA TYR A 352 -0.35 24.54 -5.78
C TYR A 352 0.61 24.67 -6.97
N LEU A 353 0.79 23.59 -7.73
CA LEU A 353 1.83 23.61 -8.76
C LEU A 353 1.35 23.37 -10.20
N ALA A 354 0.05 23.48 -10.46
CA ALA A 354 -0.42 23.39 -11.84
C ALA A 354 -0.02 24.66 -12.61
N ALA A 355 -0.09 25.79 -11.93
CA ALA A 355 0.23 27.08 -12.56
C ALA A 355 1.72 27.24 -12.88
N PRO A 356 2.63 26.92 -11.94
CA PRO A 356 4.03 27.01 -12.35
C PRO A 356 4.41 25.95 -13.38
N LEU A 357 3.72 24.82 -13.38
CA LEU A 357 3.98 23.77 -14.37
C LEU A 357 3.62 24.24 -15.77
N PHE A 358 2.40 24.75 -15.93
CA PHE A 358 1.92 25.17 -17.24
C PHE A 358 2.59 26.44 -17.74
N GLN A 359 3.06 27.27 -16.83
CA GLN A 359 3.83 28.46 -17.21
C GLN A 359 5.07 28.05 -17.99
N TYR A 360 5.57 26.86 -17.68
CA TYR A 360 6.72 26.29 -18.38
C TYR A 360 6.30 25.49 -19.62
N LEU A 361 5.20 24.75 -19.49
CA LEU A 361 4.73 23.89 -20.58
C LEU A 361 4.35 24.69 -21.82
N GLN A 362 3.70 25.84 -21.60
CA GLN A 362 3.35 26.74 -22.70
C GLN A 362 4.57 27.10 -23.52
N GLN A 363 5.68 27.32 -22.83
CA GLN A 363 6.93 27.73 -23.47
C GLN A 363 7.60 26.59 -24.23
N MET A 364 7.72 25.44 -23.57
CA MET A 364 8.45 24.30 -24.12
C MET A 364 7.79 23.69 -25.35
N ILE A 365 6.47 23.84 -25.44
CA ILE A 365 5.69 23.26 -26.54
C ILE A 365 6.10 23.89 -27.87
N THR A 366 6.61 25.12 -27.83
CA THR A 366 6.93 25.86 -29.05
C THR A 366 8.41 25.95 -29.38
N SER A 367 9.24 25.18 -28.67
CA SER A 367 10.68 25.23 -28.89
C SER A 367 11.08 24.60 -30.22
N THR A 368 12.28 24.90 -30.69
CA THR A 368 12.80 24.28 -31.89
C THR A 368 13.74 23.13 -31.53
N GLU A 369 14.00 23.01 -30.23
CA GLU A 369 14.68 21.84 -29.70
C GLU A 369 13.63 20.81 -29.32
N TRP A 370 13.63 19.67 -30.01
CA TRP A 370 12.57 18.67 -29.84
C TRP A 370 12.58 18.04 -28.45
N ARG A 371 13.75 18.03 -27.80
CA ARG A 371 13.87 17.44 -26.48
C ARG A 371 13.05 18.19 -25.44
N GLU A 372 12.83 19.48 -25.67
CA GLU A 372 12.00 20.29 -24.78
C GLU A 372 10.52 20.06 -25.07
N ARG A 373 10.19 19.85 -26.35
CA ARG A 373 8.83 19.51 -26.75
C ARG A 373 8.46 18.13 -26.23
N PHE A 374 9.43 17.23 -26.27
CA PHE A 374 9.26 15.88 -25.73
C PHE A 374 9.09 15.92 -24.22
N ALA A 375 9.93 16.71 -23.56
CA ALA A 375 9.93 16.80 -22.09
C ALA A 375 8.62 17.35 -21.57
N ALA A 376 8.02 18.29 -22.31
CA ALA A 376 6.76 18.90 -21.92
C ALA A 376 5.66 17.85 -21.83
N MET A 377 5.67 16.90 -22.76
CA MET A 377 4.67 15.83 -22.79
C MET A 377 4.86 14.85 -21.65
N MET A 378 6.11 14.55 -21.33
CA MET A 378 6.42 13.59 -20.26
C MET A 378 6.16 14.18 -18.89
N ALA A 379 6.39 15.48 -18.76
CA ALA A 379 6.16 16.17 -17.49
C ALA A 379 4.68 16.19 -17.16
N LEU A 380 3.86 16.51 -18.15
CA LEU A 380 2.41 16.52 -17.98
C LEU A 380 1.89 15.12 -17.66
N SER A 381 2.48 14.12 -18.30
CA SER A 381 2.14 12.74 -18.05
C SER A 381 2.40 12.36 -16.58
N SER A 382 3.54 12.82 -16.07
CA SER A 382 3.93 12.51 -14.70
C SER A 382 3.10 13.28 -13.67
N ALA A 383 2.74 14.51 -14.01
CA ALA A 383 2.08 15.41 -13.06
C ALA A 383 0.55 15.32 -13.11
N ALA A 384 0.02 14.68 -14.14
CA ALA A 384 -1.42 14.65 -14.39
C ALA A 384 -2.23 14.11 -13.22
N GLU A 385 -1.80 12.99 -12.65
CA GLU A 385 -2.57 12.34 -11.58
C GLU A 385 -2.65 13.19 -10.32
N GLY A 386 -1.50 13.68 -9.86
CA GLY A 386 -1.45 14.49 -8.66
C GLY A 386 -2.17 15.83 -8.81
N CYS A 387 -2.26 16.31 -10.04
CA CYS A 387 -2.89 17.59 -10.31
C CYS A 387 -4.29 17.43 -10.90
N ALA A 388 -4.86 16.24 -10.74
CA ALA A 388 -6.16 15.92 -11.33
C ALA A 388 -7.28 16.79 -10.79
N ASP A 389 -7.17 17.19 -9.53
CA ASP A 389 -8.21 17.98 -8.88
C ASP A 389 -8.42 19.34 -9.57
N VAL A 390 -7.44 19.75 -10.36
CA VAL A 390 -7.52 21.00 -11.11
C VAL A 390 -7.60 20.74 -12.61
N LEU A 391 -6.78 19.80 -13.10
CA LEU A 391 -6.65 19.57 -14.52
C LEU A 391 -7.84 18.83 -15.14
N ILE A 392 -8.64 18.19 -14.30
CA ILE A 392 -9.86 17.53 -14.76
C ILE A 392 -10.80 18.56 -15.38
N GLY A 393 -10.78 19.77 -14.83
CA GLY A 393 -11.62 20.85 -15.30
C GLY A 393 -11.07 21.58 -16.51
N GLU A 394 -9.75 21.65 -16.62
CA GLU A 394 -9.11 22.28 -17.77
C GLU A 394 -8.78 21.23 -18.83
N ILE A 395 -9.79 20.47 -19.24
CA ILE A 395 -9.58 19.31 -20.10
C ILE A 395 -9.78 19.59 -21.61
N PRO A 396 -10.40 20.72 -22.00
CA PRO A 396 -10.18 21.01 -23.42
C PRO A 396 -8.89 21.79 -23.65
N LYS A 397 -8.41 22.42 -22.58
CA LYS A 397 -7.20 23.23 -22.61
C LYS A 397 -5.95 22.42 -22.95
N ILE A 398 -5.79 21.30 -22.25
CA ILE A 398 -4.62 20.43 -22.38
C ILE A 398 -4.50 19.80 -23.78
N LEU A 399 -5.63 19.34 -24.31
CA LEU A 399 -5.66 18.73 -25.64
C LEU A 399 -5.33 19.75 -26.72
N ASP A 400 -5.63 21.02 -26.45
CA ASP A 400 -5.32 22.09 -27.40
C ASP A 400 -3.82 22.30 -27.53
N MET A 401 -3.06 21.84 -26.54
CA MET A 401 -1.60 21.90 -26.61
C MET A 401 -1.04 20.57 -27.10
N VAL A 402 -1.56 19.48 -26.54
CA VAL A 402 -1.02 18.15 -26.77
C VAL A 402 -1.31 17.64 -28.19
N ILE A 403 -2.58 17.63 -28.57
CA ILE A 403 -2.99 17.06 -29.86
C ILE A 403 -2.32 17.71 -31.09
N PRO A 404 -2.10 19.04 -31.09
CA PRO A 404 -1.35 19.56 -32.24
C PRO A 404 0.08 18.99 -32.37
N LEU A 405 0.64 18.51 -31.26
CA LEU A 405 2.00 17.98 -31.27
C LEU A 405 2.06 16.54 -31.77
N ILE A 406 0.91 15.93 -32.02
CA ILE A 406 0.88 14.54 -32.45
C ILE A 406 1.57 14.39 -33.80
N ASN A 407 1.52 15.44 -34.62
CA ASN A 407 2.12 15.39 -35.95
C ASN A 407 3.46 16.11 -36.04
N ASP A 408 4.14 16.22 -34.90
CA ASP A 408 5.46 16.85 -34.84
C ASP A 408 6.44 16.14 -35.78
N PRO A 409 7.31 16.91 -36.44
CA PRO A 409 8.33 16.34 -37.34
C PRO A 409 9.20 15.28 -36.68
N HIS A 410 9.49 15.43 -35.39
CA HIS A 410 10.31 14.47 -34.68
C HIS A 410 9.46 13.35 -34.08
N PRO A 411 9.87 12.09 -34.31
CA PRO A 411 9.12 10.91 -33.87
C PRO A 411 8.98 10.78 -32.34
N ARG A 412 9.98 11.21 -31.58
CA ARG A 412 9.90 11.05 -30.13
C ARG A 412 8.97 12.07 -29.51
N VAL A 413 8.72 13.16 -30.22
CA VAL A 413 7.71 14.13 -29.78
C VAL A 413 6.33 13.54 -30.05
N GLN A 414 6.22 12.82 -31.16
CA GLN A 414 4.99 12.09 -31.48
C GLN A 414 4.73 11.03 -30.41
N TYR A 415 5.73 10.19 -30.18
CA TYR A 415 5.71 9.20 -29.11
C TYR A 415 5.32 9.85 -27.80
N GLY A 416 5.94 10.99 -27.51
CA GLY A 416 5.67 11.75 -26.32
C GLY A 416 4.22 12.17 -26.20
N CYS A 417 3.63 12.57 -27.32
CA CYS A 417 2.25 13.01 -27.35
C CYS A 417 1.27 11.87 -27.12
N CYS A 418 1.58 10.70 -27.68
CA CYS A 418 0.77 9.50 -27.47
C CYS A 418 0.76 9.11 -26.00
N ASN A 419 1.89 9.31 -25.34
CA ASN A 419 2.05 8.94 -23.94
C ASN A 419 1.14 9.75 -23.03
N VAL A 420 0.99 11.04 -23.34
CA VAL A 420 0.11 11.91 -22.56
C VAL A 420 -1.34 11.43 -22.66
N LEU A 421 -1.82 11.34 -23.89
CA LEU A 421 -3.19 10.90 -24.17
C LEU A 421 -3.48 9.56 -23.51
N GLY A 422 -2.47 8.70 -23.44
CA GLY A 422 -2.61 7.43 -22.74
C GLY A 422 -2.70 7.64 -21.25
N GLN A 423 -1.73 8.36 -20.69
CA GLN A 423 -1.67 8.57 -19.24
C GLN A 423 -2.90 9.30 -18.71
N ILE A 424 -3.36 10.33 -19.42
CA ILE A 424 -4.49 11.12 -18.97
C ILE A 424 -5.81 10.40 -19.18
N SER A 425 -5.83 9.42 -20.10
CA SER A 425 -7.01 8.60 -20.29
C SER A 425 -7.28 7.77 -19.05
N THR A 426 -6.22 7.47 -18.31
CA THR A 426 -6.32 6.76 -17.04
C THR A 426 -6.62 7.72 -15.90
N ASP A 427 -5.78 8.74 -15.76
CA ASP A 427 -5.85 9.67 -14.65
C ASP A 427 -7.12 10.51 -14.65
N PHE A 428 -7.67 10.77 -15.83
CA PHE A 428 -8.86 11.62 -15.95
C PHE A 428 -10.11 10.79 -16.23
N SER A 429 -10.02 9.48 -16.03
CA SER A 429 -11.15 8.59 -16.26
C SER A 429 -12.17 8.71 -15.12
N PRO A 430 -13.45 8.39 -15.40
CA PRO A 430 -14.01 8.02 -16.71
C PRO A 430 -14.58 9.22 -17.47
N PHE A 431 -14.32 10.42 -16.96
CA PHE A 431 -14.91 11.63 -17.51
C PHE A 431 -14.34 11.97 -18.89
N ILE A 432 -13.06 11.69 -19.10
CA ILE A 432 -12.40 12.05 -20.35
C ILE A 432 -12.84 11.14 -21.50
N GLN A 433 -13.21 9.90 -21.19
CA GLN A 433 -13.71 8.98 -22.19
C GLN A 433 -15.05 9.47 -22.76
N ARG A 434 -15.90 9.96 -21.87
CA ARG A 434 -17.23 10.43 -22.25
C ARG A 434 -17.19 11.76 -22.99
N THR A 435 -16.11 12.52 -22.78
CA THR A 435 -16.06 13.91 -23.21
C THR A 435 -15.11 14.15 -24.39
N ALA A 436 -13.98 13.44 -24.41
CA ALA A 436 -12.95 13.71 -25.39
C ALA A 436 -12.67 12.56 -26.36
N HIS A 437 -13.59 11.60 -26.45
CA HIS A 437 -13.42 10.48 -27.36
C HIS A 437 -13.38 10.97 -28.81
N ASP A 438 -14.09 12.06 -29.06
CA ASP A 438 -14.16 12.66 -30.39
C ASP A 438 -12.81 13.24 -30.83
N ARG A 439 -11.95 13.56 -29.87
CA ARG A 439 -10.65 14.15 -30.16
C ARG A 439 -9.52 13.15 -29.98
N ILE A 440 -9.60 12.34 -28.92
CA ILE A 440 -8.52 11.43 -28.57
C ILE A 440 -8.38 10.25 -29.54
N LEU A 441 -9.49 9.55 -29.76
CA LEU A 441 -9.45 8.36 -30.63
C LEU A 441 -9.01 8.66 -32.07
N PRO A 442 -9.57 9.71 -32.71
CA PRO A 442 -9.04 10.01 -34.05
C PRO A 442 -7.55 10.35 -34.05
N ALA A 443 -7.09 11.03 -32.99
CA ALA A 443 -5.69 11.39 -32.87
C ALA A 443 -4.81 10.14 -32.78
N LEU A 444 -5.19 9.20 -31.93
CA LEU A 444 -4.45 7.97 -31.74
C LEU A 444 -4.52 7.06 -32.97
N ILE A 445 -5.70 6.98 -33.57
CA ILE A 445 -5.90 6.16 -34.76
C ILE A 445 -5.02 6.60 -35.92
N SER A 446 -4.84 7.92 -36.06
CA SER A 446 -4.05 8.48 -37.15
C SER A 446 -2.57 8.09 -37.06
N LYS A 447 -2.15 7.60 -35.90
CA LYS A 447 -0.75 7.22 -35.70
C LYS A 447 -0.53 5.72 -35.82
N LEU A 448 -1.60 4.96 -35.97
CA LEU A 448 -1.50 3.53 -36.16
C LEU A 448 -1.02 3.19 -37.56
N THR A 449 -1.22 4.13 -38.49
CA THR A 449 -0.88 3.92 -39.89
C THR A 449 0.60 3.58 -40.08
N SER A 450 0.89 2.76 -41.10
CA SER A 450 2.20 2.16 -41.27
C SER A 450 3.26 3.12 -41.82
N GLU A 451 2.88 4.37 -42.09
CA GLU A 451 3.83 5.36 -42.54
C GLU A 451 4.64 5.91 -41.37
N CYS A 452 4.02 5.91 -40.19
CA CYS A 452 4.72 6.32 -38.97
C CYS A 452 5.72 5.26 -38.56
N THR A 453 6.68 5.64 -37.74
CA THR A 453 7.70 4.70 -37.28
C THR A 453 7.09 3.69 -36.31
N SER A 454 7.80 2.58 -36.09
CA SER A 454 7.30 1.49 -35.27
C SER A 454 7.03 1.91 -33.83
N ARG A 455 7.95 2.69 -33.27
CA ARG A 455 7.83 3.14 -31.87
C ARG A 455 6.55 3.96 -31.65
N VAL A 456 6.18 4.76 -32.64
CA VAL A 456 5.02 5.64 -32.53
C VAL A 456 3.72 4.85 -32.67
N GLN A 457 3.65 3.93 -33.63
CA GLN A 457 2.49 3.06 -33.78
C GLN A 457 2.21 2.30 -32.48
N THR A 458 3.27 1.67 -31.96
CA THR A 458 3.19 0.85 -30.76
C THR A 458 2.69 1.63 -29.56
N HIS A 459 3.20 2.85 -29.39
CA HIS A 459 2.85 3.65 -28.22
C HIS A 459 1.43 4.21 -28.34
N ALA A 460 1.00 4.48 -29.57
CA ALA A 460 -0.37 4.90 -29.82
C ALA A 460 -1.33 3.75 -29.51
N ALA A 461 -0.92 2.55 -29.93
CA ALA A 461 -1.70 1.34 -29.65
C ALA A 461 -1.75 1.07 -28.15
N ALA A 462 -0.65 1.37 -27.46
CA ALA A 462 -0.58 1.22 -26.01
C ALA A 462 -1.52 2.21 -25.33
N ALA A 463 -1.56 3.44 -25.85
CA ALA A 463 -2.44 4.46 -25.31
C ALA A 463 -3.90 4.10 -25.47
N LEU A 464 -4.20 3.32 -26.50
CA LEU A 464 -5.57 2.87 -26.77
C LEU A 464 -6.05 1.90 -25.69
N VAL A 465 -5.11 1.21 -25.05
CA VAL A 465 -5.44 0.33 -23.94
C VAL A 465 -5.91 1.14 -22.74
N ASN A 466 -5.17 2.20 -22.43
CA ASN A 466 -5.52 3.11 -21.34
C ASN A 466 -6.91 3.72 -21.52
N PHE A 467 -7.20 4.17 -22.74
CA PHE A 467 -8.47 4.80 -23.05
C PHE A 467 -9.61 3.79 -22.97
N SER A 468 -9.38 2.59 -23.50
CA SER A 468 -10.42 1.57 -23.60
C SER A 468 -10.87 1.05 -22.24
N GLU A 469 -9.97 1.09 -21.25
CA GLU A 469 -10.24 0.50 -19.94
C GLU A 469 -11.48 1.08 -19.27
N PHE A 470 -11.77 2.34 -19.53
CA PHE A 470 -12.91 3.00 -18.89
C PHE A 470 -13.90 3.59 -19.90
N ALA A 471 -13.82 3.11 -21.14
CA ALA A 471 -14.73 3.57 -22.18
C ALA A 471 -15.91 2.61 -22.35
N SER A 472 -17.10 3.16 -22.44
CA SER A 472 -18.31 2.35 -22.64
C SER A 472 -18.26 1.66 -23.99
N LYS A 473 -19.03 0.59 -24.13
CA LYS A 473 -19.12 -0.12 -25.40
C LYS A 473 -19.85 0.73 -26.44
N ASP A 474 -20.76 1.57 -25.96
CA ASP A 474 -21.54 2.45 -26.83
C ASP A 474 -20.66 3.53 -27.46
N ILE A 475 -19.66 3.98 -26.71
CA ILE A 475 -18.76 5.02 -27.17
C ILE A 475 -17.73 4.45 -28.16
N LEU A 476 -17.23 3.25 -27.87
CA LEU A 476 -16.24 2.61 -28.73
C LEU A 476 -16.82 2.13 -30.06
N GLU A 477 -18.11 1.81 -30.07
CA GLU A 477 -18.74 1.15 -31.21
C GLU A 477 -18.51 1.80 -32.59
N PRO A 478 -18.70 3.12 -32.71
CA PRO A 478 -18.48 3.67 -34.06
C PRO A 478 -17.01 3.78 -34.47
N TYR A 479 -16.10 3.45 -33.55
CA TYR A 479 -14.67 3.55 -33.83
C TYR A 479 -14.04 2.18 -34.08
N LEU A 480 -14.79 1.11 -33.78
CA LEU A 480 -14.24 -0.24 -33.77
C LEU A 480 -13.63 -0.70 -35.09
N ASP A 481 -14.37 -0.56 -36.18
CA ASP A 481 -13.89 -1.03 -37.48
C ASP A 481 -12.57 -0.37 -37.86
N SER A 482 -12.52 0.96 -37.77
CA SER A 482 -11.31 1.71 -38.05
C SER A 482 -10.18 1.32 -37.11
N LEU A 483 -10.53 1.12 -35.84
CA LEU A 483 -9.56 0.68 -34.84
C LEU A 483 -8.95 -0.67 -35.19
N LEU A 484 -9.80 -1.59 -35.63
CA LEU A 484 -9.36 -2.97 -35.86
C LEU A 484 -8.63 -3.14 -37.19
N THR A 485 -9.11 -2.47 -38.24
CA THR A 485 -8.42 -2.53 -39.53
C THR A 485 -6.99 -2.03 -39.44
N ASN A 486 -6.78 -1.00 -38.61
CA ASN A 486 -5.44 -0.48 -38.39
C ASN A 486 -4.58 -1.44 -37.58
N LEU A 487 -5.17 -2.02 -36.54
CA LEU A 487 -4.44 -2.93 -35.66
C LEU A 487 -4.12 -4.25 -36.35
N LEU A 488 -4.92 -4.63 -37.35
CA LEU A 488 -4.61 -5.80 -38.16
C LEU A 488 -3.32 -5.58 -38.94
N VAL A 489 -3.08 -4.33 -39.32
CA VAL A 489 -1.86 -3.97 -40.05
C VAL A 489 -0.65 -4.05 -39.11
N LEU A 490 -0.81 -3.56 -37.88
CA LEU A 490 0.23 -3.67 -36.87
C LEU A 490 0.53 -5.14 -36.58
N LEU A 491 -0.48 -5.98 -36.74
CA LEU A 491 -0.36 -7.41 -36.49
C LEU A 491 0.53 -8.08 -37.54
N GLN A 492 0.71 -7.40 -38.68
CA GLN A 492 1.51 -7.93 -39.77
C GLN A 492 2.92 -7.36 -39.79
N SER A 493 3.33 -6.76 -38.68
CA SER A 493 4.66 -6.16 -38.59
C SER A 493 5.75 -7.22 -38.51
N ASN A 494 6.95 -6.87 -38.95
CA ASN A 494 8.09 -7.76 -38.86
C ASN A 494 8.79 -7.60 -37.51
N LYS A 495 8.42 -6.55 -36.78
CA LYS A 495 8.96 -6.32 -35.46
C LYS A 495 8.06 -6.97 -34.41
N LEU A 496 8.65 -7.82 -33.58
CA LEU A 496 7.91 -8.66 -32.63
C LEU A 496 7.13 -7.84 -31.61
N TYR A 497 7.73 -6.76 -31.10
CA TYR A 497 7.09 -5.96 -30.06
C TYR A 497 5.90 -5.18 -30.62
N VAL A 498 5.86 -5.00 -31.93
CA VAL A 498 4.72 -4.36 -32.57
C VAL A 498 3.55 -5.35 -32.67
N GLN A 499 3.87 -6.60 -32.97
CA GLN A 499 2.87 -7.66 -33.01
C GLN A 499 2.26 -7.88 -31.63
N GLU A 500 3.12 -7.97 -30.63
CA GLU A 500 2.69 -8.23 -29.26
C GLU A 500 1.80 -7.11 -28.72
N GLN A 501 2.13 -5.87 -29.06
CA GLN A 501 1.33 -4.73 -28.64
C GLN A 501 -0.01 -4.72 -29.36
N ALA A 502 0.01 -5.11 -30.63
CA ALA A 502 -1.21 -5.19 -31.43
C ALA A 502 -2.20 -6.16 -30.82
N LEU A 503 -1.69 -7.30 -30.36
CA LEU A 503 -2.52 -8.33 -29.74
C LEU A 503 -3.15 -7.83 -28.44
N THR A 504 -2.34 -7.16 -27.62
CA THR A 504 -2.80 -6.67 -26.33
C THR A 504 -3.83 -5.55 -26.49
N THR A 505 -3.59 -4.65 -27.45
CA THR A 505 -4.51 -3.55 -27.71
C THR A 505 -5.85 -4.06 -28.19
N ILE A 506 -5.81 -5.01 -29.13
CA ILE A 506 -7.02 -5.65 -29.64
C ILE A 506 -7.80 -6.33 -28.51
N ALA A 507 -7.07 -7.03 -27.65
CA ALA A 507 -7.66 -7.77 -26.54
C ALA A 507 -8.45 -6.88 -25.59
N PHE A 508 -7.88 -5.73 -25.23
CA PHE A 508 -8.51 -4.86 -24.24
C PHE A 508 -9.50 -3.90 -24.88
N ILE A 509 -9.40 -3.73 -26.20
CA ILE A 509 -10.46 -3.05 -26.94
C ILE A 509 -11.69 -3.96 -26.97
N ALA A 510 -11.44 -5.25 -27.16
CA ALA A 510 -12.51 -6.24 -27.19
C ALA A 510 -13.18 -6.37 -25.82
N GLU A 511 -12.37 -6.31 -24.76
CA GLU A 511 -12.89 -6.40 -23.40
C GLU A 511 -13.88 -5.28 -23.11
N ALA A 512 -13.57 -4.09 -23.59
CA ALA A 512 -14.44 -2.93 -23.39
C ALA A 512 -15.65 -2.97 -24.32
N ALA A 513 -15.45 -3.49 -25.54
CA ALA A 513 -16.50 -3.56 -26.53
C ALA A 513 -17.60 -4.54 -26.12
N LYS A 514 -17.21 -5.60 -25.41
CA LYS A 514 -18.12 -6.65 -24.96
C LYS A 514 -18.89 -7.26 -26.13
N ASN A 515 -20.23 -7.27 -26.04
CA ASN A 515 -21.07 -7.90 -27.05
C ASN A 515 -21.02 -7.16 -28.39
N LYS A 516 -20.51 -5.94 -28.39
CA LYS A 516 -20.37 -5.16 -29.61
C LYS A 516 -19.23 -5.68 -30.48
N PHE A 517 -18.49 -6.66 -29.95
CA PHE A 517 -17.32 -7.19 -30.63
C PHE A 517 -17.63 -8.47 -31.42
N ILE A 518 -18.83 -9.01 -31.22
CA ILE A 518 -19.24 -10.24 -31.90
C ILE A 518 -19.15 -10.08 -33.42
N LYS A 519 -19.31 -8.83 -33.86
CA LYS A 519 -19.18 -8.42 -35.25
C LYS A 519 -17.83 -8.83 -35.85
N TYR A 520 -16.79 -8.79 -35.02
CA TYR A 520 -15.41 -8.91 -35.50
C TYR A 520 -14.76 -10.25 -35.15
N TYR A 521 -15.53 -11.14 -34.55
CA TYR A 521 -15.01 -12.43 -34.11
C TYR A 521 -14.51 -13.29 -35.27
N ASP A 522 -15.32 -13.38 -36.33
CA ASP A 522 -15.05 -14.32 -37.42
C ASP A 522 -13.78 -13.99 -38.21
N THR A 523 -13.35 -12.74 -38.19
CA THR A 523 -12.17 -12.34 -38.94
C THR A 523 -10.90 -12.40 -38.11
N LEU A 524 -11.04 -12.17 -36.80
CA LEU A 524 -9.88 -12.10 -35.92
C LEU A 524 -9.44 -13.46 -35.39
N MET A 525 -10.40 -14.30 -35.00
CA MET A 525 -10.09 -15.57 -34.38
C MET A 525 -9.23 -16.53 -35.22
N PRO A 526 -9.50 -16.63 -36.55
CA PRO A 526 -8.59 -17.48 -37.34
C PRO A 526 -7.17 -16.93 -37.40
N LEU A 527 -7.05 -15.60 -37.45
CA LEU A 527 -5.75 -14.95 -37.46
C LEU A 527 -5.00 -15.24 -36.16
N LEU A 528 -5.75 -15.34 -35.07
CA LEU A 528 -5.18 -15.67 -33.77
C LEU A 528 -4.76 -17.12 -33.70
N LEU A 529 -5.62 -18.01 -34.21
CA LEU A 529 -5.32 -19.43 -34.24
C LEU A 529 -4.08 -19.71 -35.08
N ASN A 530 -3.96 -19.01 -36.21
CA ASN A 530 -2.80 -19.14 -37.07
C ASN A 530 -1.49 -18.84 -36.34
N VAL A 531 -1.49 -17.78 -35.54
CA VAL A 531 -0.33 -17.39 -34.75
C VAL A 531 0.06 -18.51 -33.78
N LEU A 532 -0.96 -19.11 -33.14
CA LEU A 532 -0.73 -20.14 -32.14
C LEU A 532 -0.25 -21.47 -32.75
N LYS A 533 -0.65 -21.74 -33.99
CA LYS A 533 -0.37 -23.02 -34.62
C LYS A 533 1.06 -23.15 -35.16
N VAL A 534 1.74 -22.03 -35.37
CA VAL A 534 3.07 -22.05 -35.95
C VAL A 534 4.07 -22.82 -35.10
N ASN A 539 9.22 -17.35 -29.19
CA ASN A 539 8.20 -16.30 -29.13
C ASN A 539 7.08 -16.68 -28.18
N SER A 540 7.41 -16.92 -26.92
CA SER A 540 6.43 -17.31 -25.91
C SER A 540 5.58 -16.13 -25.48
N VAL A 541 6.17 -14.94 -25.48
CA VAL A 541 5.45 -13.72 -25.14
C VAL A 541 4.34 -13.48 -26.15
N LEU A 542 4.63 -13.79 -27.41
CA LEU A 542 3.66 -13.63 -28.49
C LEU A 542 2.46 -14.55 -28.29
N LYS A 543 2.74 -15.83 -28.06
CA LYS A 543 1.67 -16.81 -27.87
C LYS A 543 0.88 -16.56 -26.59
N GLY A 544 1.57 -16.09 -25.56
CA GLY A 544 0.91 -15.77 -24.30
C GLY A 544 -0.07 -14.63 -24.48
N LYS A 545 0.37 -13.57 -25.15
CA LYS A 545 -0.49 -12.42 -25.44
C LYS A 545 -1.59 -12.80 -26.42
N CYS A 546 -1.30 -13.79 -27.28
CA CYS A 546 -2.27 -14.24 -28.27
C CYS A 546 -3.40 -15.03 -27.60
N MET A 547 -3.04 -15.90 -26.66
CA MET A 547 -4.03 -16.68 -25.92
C MET A 547 -4.85 -15.77 -25.02
N GLU A 548 -4.20 -14.73 -24.48
CA GLU A 548 -4.89 -13.73 -23.68
C GLU A 548 -5.89 -12.98 -24.53
N CYS A 549 -5.49 -12.66 -25.76
CA CYS A 549 -6.36 -11.97 -26.71
C CYS A 549 -7.56 -12.84 -27.08
N ALA A 550 -7.30 -14.14 -27.28
CA ALA A 550 -8.34 -15.08 -27.68
C ALA A 550 -9.40 -15.25 -26.59
N THR A 551 -8.96 -15.39 -25.35
CA THR A 551 -9.89 -15.65 -24.25
C THR A 551 -10.63 -14.39 -23.81
N LEU A 552 -9.96 -13.24 -23.91
CA LEU A 552 -10.62 -11.96 -23.61
C LEU A 552 -11.70 -11.67 -24.64
N ILE A 553 -11.42 -11.99 -25.90
CA ILE A 553 -12.41 -11.89 -26.96
C ILE A 553 -13.57 -12.84 -26.65
N GLY A 554 -13.24 -14.03 -26.16
CA GLY A 554 -14.23 -15.03 -25.82
C GLY A 554 -15.22 -14.59 -24.75
N PHE A 555 -14.71 -13.92 -23.72
CA PHE A 555 -15.56 -13.43 -22.64
C PHE A 555 -16.39 -12.23 -23.12
N ALA A 556 -15.86 -11.52 -24.10
CA ALA A 556 -16.54 -10.36 -24.66
C ALA A 556 -17.74 -10.78 -25.51
N VAL A 557 -17.54 -11.77 -26.37
CA VAL A 557 -18.58 -12.20 -27.30
C VAL A 557 -19.55 -13.21 -26.68
N GLY A 558 -19.14 -13.85 -25.59
CA GLY A 558 -20.00 -14.78 -24.89
C GLY A 558 -19.73 -16.25 -25.19
N LYS A 559 -20.30 -17.11 -24.35
CA LYS A 559 -20.03 -18.54 -24.37
C LYS A 559 -20.45 -19.23 -25.68
N GLU A 560 -21.65 -18.92 -26.16
CA GLU A 560 -22.18 -19.56 -27.36
C GLU A 560 -21.32 -19.28 -28.58
N LYS A 561 -20.90 -18.03 -28.74
CA LYS A 561 -20.03 -17.64 -29.85
C LYS A 561 -18.64 -18.20 -29.67
N PHE A 562 -18.17 -18.24 -28.42
CA PHE A 562 -16.84 -18.72 -28.10
C PHE A 562 -16.68 -20.21 -28.39
N HIS A 563 -17.80 -20.93 -28.42
CA HIS A 563 -17.77 -22.38 -28.58
C HIS A 563 -17.39 -22.82 -30.01
N GLU A 564 -17.32 -21.86 -30.93
CA GLU A 564 -16.96 -22.17 -32.31
C GLU A 564 -15.47 -22.47 -32.46
N HIS A 565 -14.69 -22.16 -31.42
CA HIS A 565 -13.25 -22.40 -31.46
C HIS A 565 -12.68 -22.82 -30.10
N SER A 566 -13.55 -22.92 -29.10
CA SER A 566 -13.14 -23.13 -27.71
C SER A 566 -12.31 -24.40 -27.51
N GLN A 567 -12.80 -25.52 -28.03
CA GLN A 567 -12.13 -26.81 -27.84
C GLN A 567 -10.75 -26.85 -28.50
N GLU A 568 -10.64 -26.27 -29.69
CA GLU A 568 -9.36 -26.17 -30.37
C GLU A 568 -8.42 -25.27 -29.59
N LEU A 569 -8.96 -24.18 -29.07
CA LEU A 569 -8.22 -23.24 -28.25
C LEU A 569 -7.71 -23.91 -26.99
N ILE A 570 -8.57 -24.74 -26.38
CA ILE A 570 -8.23 -25.47 -25.17
C ILE A 570 -7.10 -26.48 -25.42
N SER A 571 -7.18 -27.18 -26.56
CA SER A 571 -6.17 -28.18 -26.91
C SER A 571 -4.80 -27.53 -27.09
N ILE A 572 -4.80 -26.31 -27.60
CA ILE A 572 -3.55 -25.57 -27.79
C ILE A 572 -3.01 -25.09 -26.45
N LEU A 573 -3.92 -24.71 -25.55
CA LEU A 573 -3.56 -24.32 -24.20
C LEU A 573 -2.85 -25.46 -23.47
N VAL A 574 -3.38 -26.67 -23.63
CA VAL A 574 -2.80 -27.86 -23.00
C VAL A 574 -1.37 -28.08 -23.49
N ALA A 575 -1.16 -27.91 -24.80
CA ALA A 575 0.16 -28.06 -25.40
C ALA A 575 1.13 -27.00 -24.86
N LEU A 576 0.61 -25.80 -24.64
CA LEU A 576 1.43 -24.70 -24.15
C LEU A 576 1.80 -24.87 -22.68
N GLN A 577 0.86 -25.37 -21.88
CA GLN A 577 1.06 -25.51 -20.45
C GLN A 577 2.09 -26.58 -20.10
N ASN A 578 2.01 -27.72 -20.79
CA ASN A 578 2.91 -28.83 -20.51
C ASN A 578 4.16 -28.84 -21.39
N SER A 579 4.43 -27.71 -22.04
CA SER A 579 5.57 -27.60 -22.94
C SER A 579 6.89 -27.63 -22.18
N ASP A 585 8.73 -16.87 -17.32
CA ASP A 585 7.62 -17.03 -16.40
C ASP A 585 6.43 -16.15 -16.80
N ALA A 586 6.65 -15.30 -17.81
CA ALA A 586 5.59 -14.47 -18.34
C ALA A 586 4.51 -15.36 -18.95
N LEU A 587 4.94 -16.39 -19.66
CA LEU A 587 4.02 -17.32 -20.31
C LEU A 587 3.13 -18.03 -19.30
N ARG A 588 3.73 -18.52 -18.22
CA ARG A 588 3.01 -19.24 -17.18
C ARG A 588 1.81 -18.44 -16.65
N SER A 589 2.00 -17.13 -16.51
CA SER A 589 0.95 -16.26 -16.00
C SER A 589 -0.14 -16.02 -17.05
N TYR A 590 0.27 -15.91 -18.31
CA TYR A 590 -0.69 -15.76 -19.40
C TYR A 590 -1.59 -16.99 -19.52
N LEU A 591 -0.98 -18.17 -19.33
CA LEU A 591 -1.71 -19.42 -19.44
C LEU A 591 -2.69 -19.61 -18.29
N GLU A 592 -2.26 -19.23 -17.08
CA GLU A 592 -3.10 -19.35 -15.90
C GLU A 592 -4.34 -18.47 -16.00
N GLN A 593 -4.15 -17.22 -16.40
CA GLN A 593 -5.26 -16.28 -16.50
C GLN A 593 -6.19 -16.66 -17.66
N SER A 594 -5.64 -17.31 -18.67
CA SER A 594 -6.44 -17.79 -19.79
C SER A 594 -7.37 -18.92 -19.35
N TRP A 595 -6.81 -19.89 -18.62
CA TRP A 595 -7.61 -20.97 -18.05
C TRP A 595 -8.70 -20.39 -17.16
N SER A 596 -8.33 -19.46 -16.30
CA SER A 596 -9.25 -18.82 -15.36
C SER A 596 -10.35 -18.06 -16.10
N ARG A 597 -9.98 -17.44 -17.22
CA ARG A 597 -10.93 -16.66 -18.02
C ARG A 597 -11.91 -17.58 -18.74
N ILE A 598 -11.40 -18.72 -19.20
CA ILE A 598 -12.24 -19.72 -19.85
C ILE A 598 -13.27 -20.28 -18.87
N CYS A 599 -12.88 -20.38 -17.60
CA CYS A 599 -13.78 -20.83 -16.55
C CYS A 599 -14.94 -19.86 -16.35
N ARG A 600 -14.64 -18.55 -16.43
CA ARG A 600 -15.67 -17.53 -16.30
C ARG A 600 -16.63 -17.58 -17.49
N ILE A 601 -16.12 -18.04 -18.63
CA ILE A 601 -16.93 -18.17 -19.83
C ILE A 601 -17.80 -19.42 -19.79
N LEU A 602 -17.16 -20.57 -19.58
CA LEU A 602 -17.84 -21.87 -19.68
C LEU A 602 -18.78 -22.16 -18.52
N GLY A 603 -18.54 -21.55 -17.37
CA GLY A 603 -19.34 -21.81 -16.19
C GLY A 603 -19.12 -23.21 -15.66
N ASP A 604 -20.21 -23.95 -15.47
CA ASP A 604 -20.15 -25.31 -14.93
C ASP A 604 -19.52 -26.30 -15.91
N ASP A 605 -19.39 -25.89 -17.17
CA ASP A 605 -18.82 -26.75 -18.20
C ASP A 605 -17.30 -26.82 -18.11
N PHE A 606 -16.73 -26.08 -17.17
CA PHE A 606 -15.28 -26.06 -16.97
C PHE A 606 -14.82 -27.23 -16.11
N VAL A 607 -15.76 -27.82 -15.37
CA VAL A 607 -15.48 -28.92 -14.44
C VAL A 607 -14.59 -30.03 -15.01
N PRO A 608 -14.83 -30.49 -16.25
CA PRO A 608 -13.94 -31.54 -16.76
C PRO A 608 -12.50 -31.07 -17.01
N LEU A 609 -12.24 -29.77 -16.91
CA LEU A 609 -10.90 -29.24 -17.15
C LEU A 609 -10.12 -29.00 -15.87
N LEU A 610 -10.78 -29.19 -14.73
CA LEU A 610 -10.13 -29.04 -13.42
C LEU A 610 -8.91 -29.95 -13.19
N PRO A 611 -8.97 -31.23 -13.62
CA PRO A 611 -7.78 -32.07 -13.43
C PRO A 611 -6.54 -31.56 -14.15
N ILE A 612 -6.72 -30.72 -15.17
CA ILE A 612 -5.61 -30.13 -15.90
C ILE A 612 -5.09 -28.88 -15.20
N VAL A 613 -6.01 -28.08 -14.69
CA VAL A 613 -5.69 -26.74 -14.20
C VAL A 613 -5.25 -26.69 -12.73
N ILE A 614 -5.98 -27.41 -11.88
CA ILE A 614 -5.78 -27.32 -10.43
C ILE A 614 -4.44 -27.87 -9.89
N PRO A 615 -4.00 -29.06 -10.34
CA PRO A 615 -2.77 -29.62 -9.74
C PRO A 615 -1.52 -28.71 -9.77
N PRO A 616 -1.26 -27.98 -10.87
CA PRO A 616 -0.10 -27.09 -10.78
C PRO A 616 -0.32 -25.92 -9.81
N LEU A 617 -1.58 -25.54 -9.62
CA LEU A 617 -1.92 -24.48 -8.66
C LEU A 617 -1.73 -24.98 -7.23
N LEU A 618 -2.05 -26.26 -7.01
CA LEU A 618 -1.87 -26.87 -5.71
C LEU A 618 -0.40 -26.88 -5.29
N ILE A 619 0.47 -27.23 -6.23
CA ILE A 619 1.90 -27.31 -5.95
C ILE A 619 2.48 -25.96 -5.51
N THR A 620 2.24 -24.93 -6.31
CA THR A 620 2.77 -23.60 -6.05
C THR A 620 2.20 -23.00 -4.77
N ALA A 621 0.94 -23.32 -4.49
CA ALA A 621 0.26 -22.78 -3.30
C ALA A 621 0.69 -23.47 -2.01
N LYS A 622 1.52 -24.51 -2.13
CA LYS A 622 1.98 -25.25 -0.97
C LYS A 622 3.45 -24.94 -0.65
N ALA A 623 3.98 -23.91 -1.29
CA ALA A 623 5.36 -23.50 -1.05
C ALA A 623 5.56 -23.03 0.38
N THR A 624 6.62 -23.52 1.02
CA THR A 624 6.94 -23.12 2.38
C THR A 624 7.82 -21.88 2.38
N GLN A 625 7.96 -21.27 3.54
CA GLN A 625 8.86 -20.12 3.68
C GLN A 625 10.30 -20.52 3.46
N ASP A 626 10.83 -20.23 2.27
CA ASP A 626 12.24 -20.49 2.00
C ASP A 626 13.08 -19.54 2.84
N VAL A 627 13.45 -19.98 4.03
CA VAL A 627 14.21 -19.16 4.95
C VAL A 627 15.70 -19.52 4.94
N GLY A 628 16.53 -18.52 5.14
CA GLY A 628 17.97 -18.73 5.23
C GLY A 628 18.53 -18.03 6.43
N LEU A 629 18.77 -18.79 7.51
CA LEU A 629 19.42 -18.25 8.69
C LEU A 629 20.75 -17.63 8.27
N ILE A 630 20.79 -16.30 8.25
CA ILE A 630 21.86 -15.58 7.58
C ILE A 630 22.79 -14.87 8.56
N GLU A 631 23.91 -14.38 8.04
CA GLU A 631 24.93 -13.72 8.84
C GLU A 631 25.20 -12.32 8.25
N GLU A 632 25.67 -11.41 9.09
CA GLU A 632 25.80 -9.99 8.76
C GLU A 632 26.38 -9.67 7.38
N GLU A 633 27.59 -10.13 7.10
CA GLU A 633 28.30 -9.72 5.88
C GLU A 633 27.61 -10.16 4.60
N GLU A 634 27.23 -11.43 4.52
CA GLU A 634 26.60 -11.96 3.31
C GLU A 634 25.12 -11.62 3.25
N ALA A 635 24.74 -10.51 3.89
CA ALA A 635 23.45 -9.88 3.69
C ALA A 635 23.69 -8.62 2.86
N ALA A 636 22.63 -7.92 2.48
CA ALA A 636 22.70 -6.83 1.49
C ALA A 636 23.20 -7.35 0.15
N ASN A 637 24.21 -8.22 0.22
CA ASN A 637 24.67 -9.05 -0.89
C ASN A 637 23.55 -9.90 -1.48
N PHE A 638 22.51 -10.15 -0.69
CA PHE A 638 21.33 -10.87 -1.17
C PHE A 638 20.23 -9.88 -1.54
N GLN A 639 20.35 -8.67 -1.01
CA GLN A 639 19.36 -7.62 -1.23
C GLN A 639 19.34 -7.11 -2.68
N GLN A 640 20.40 -7.39 -3.43
CA GLN A 640 20.49 -6.94 -4.82
C GLN A 640 19.27 -7.41 -5.61
N TYR A 641 18.92 -8.67 -5.41
CA TYR A 641 17.82 -9.29 -6.13
C TYR A 641 16.48 -8.79 -5.62
N PRO A 642 15.58 -8.41 -6.56
CA PRO A 642 14.22 -8.01 -6.20
C PRO A 642 13.42 -9.17 -5.62
N ASP A 643 13.90 -10.38 -5.87
CA ASP A 643 13.22 -11.60 -5.43
C ASP A 643 13.70 -12.08 -4.06
N TRP A 644 14.52 -11.26 -3.40
CA TRP A 644 14.99 -11.57 -2.06
C TRP A 644 14.89 -10.37 -1.14
N ASP A 645 14.49 -10.60 0.11
CA ASP A 645 14.44 -9.56 1.12
C ASP A 645 14.94 -10.08 2.46
N VAL A 646 15.58 -9.21 3.23
CA VAL A 646 16.09 -9.60 4.55
C VAL A 646 15.57 -8.68 5.65
N VAL A 647 15.19 -9.27 6.79
CA VAL A 647 14.70 -8.53 7.93
C VAL A 647 15.24 -9.09 9.24
N GLN A 648 15.05 -8.36 10.33
CA GLN A 648 15.49 -8.81 11.65
C GLN A 648 14.28 -9.07 12.55
N VAL A 649 14.33 -10.18 13.29
CA VAL A 649 13.19 -10.59 14.11
C VAL A 649 13.32 -10.19 15.56
N GLN A 650 14.49 -10.41 16.16
CA GLN A 650 14.70 -10.11 17.57
C GLN A 650 16.16 -9.79 17.87
N GLY A 651 16.99 -9.79 16.83
CA GLY A 651 18.41 -9.55 16.97
C GLY A 651 19.13 -10.16 15.78
N LYS A 652 18.89 -11.44 15.55
CA LYS A 652 19.55 -12.17 14.47
C LYS A 652 18.81 -11.96 13.14
N HIS A 653 19.57 -11.71 12.07
CA HIS A 653 19.01 -11.51 10.72
C HIS A 653 18.42 -12.77 10.12
N ILE A 654 17.57 -12.62 9.11
CA ILE A 654 17.17 -13.72 8.24
C ILE A 654 16.99 -13.29 6.77
N ALA A 655 17.18 -14.24 5.86
CA ALA A 655 16.96 -14.03 4.42
C ALA A 655 15.79 -14.88 3.90
N ILE A 656 14.84 -14.24 3.22
CA ILE A 656 13.65 -14.95 2.74
C ILE A 656 13.40 -14.75 1.25
N HIS A 657 12.97 -15.83 0.59
CA HIS A 657 12.66 -15.80 -0.83
C HIS A 657 11.27 -15.21 -1.05
N THR A 658 11.22 -13.91 -1.29
CA THR A 658 9.95 -13.19 -1.38
C THR A 658 9.12 -13.58 -2.61
N SER A 659 9.80 -13.72 -3.74
CA SER A 659 9.13 -14.04 -5.00
C SER A 659 8.37 -15.36 -4.93
N VAL A 660 9.00 -16.36 -4.32
CA VAL A 660 8.39 -17.67 -4.16
C VAL A 660 7.09 -17.57 -3.37
N LEU A 661 7.10 -16.72 -2.35
CA LEU A 661 5.91 -16.51 -1.52
C LEU A 661 4.88 -15.64 -2.24
N ASP A 662 5.34 -14.81 -3.15
CA ASP A 662 4.44 -14.03 -3.99
C ASP A 662 3.69 -14.95 -4.96
N ASP A 663 4.43 -15.92 -5.51
CA ASP A 663 3.84 -16.91 -6.40
C ASP A 663 2.81 -17.76 -5.66
N LYS A 664 3.09 -18.01 -4.39
CA LYS A 664 2.18 -18.75 -3.53
C LYS A 664 0.84 -18.01 -3.43
N VAL A 665 0.93 -16.71 -3.19
CA VAL A 665 -0.25 -15.86 -3.10
C VAL A 665 -1.08 -15.87 -4.38
N SER A 666 -0.40 -15.70 -5.51
CA SER A 666 -1.04 -15.69 -6.82
C SER A 666 -1.80 -16.98 -7.09
N ALA A 667 -1.21 -18.10 -6.68
CA ALA A 667 -1.84 -19.41 -6.85
C ALA A 667 -3.06 -19.54 -5.95
N MET A 668 -2.95 -19.02 -4.73
CA MET A 668 -4.05 -19.07 -3.77
C MET A 668 -5.22 -18.21 -4.25
N GLU A 669 -4.91 -17.10 -4.90
CA GLU A 669 -5.92 -16.22 -5.45
C GLU A 669 -6.70 -16.89 -6.58
N LEU A 670 -6.00 -17.70 -7.37
CA LEU A 670 -6.64 -18.43 -8.46
C LEU A 670 -7.50 -19.57 -7.93
N LEU A 671 -6.98 -20.28 -6.93
CA LEU A 671 -7.75 -21.34 -6.27
C LEU A 671 -9.03 -20.78 -5.66
N GLN A 672 -8.93 -19.59 -5.10
CA GLN A 672 -10.08 -18.92 -4.47
C GLN A 672 -11.12 -18.53 -5.52
N SER A 673 -10.65 -18.04 -6.65
CA SER A 673 -11.56 -17.61 -7.72
C SER A 673 -12.26 -18.81 -8.36
N TYR A 674 -11.54 -19.91 -8.49
CA TYR A 674 -12.15 -21.14 -9.00
C TYR A 674 -13.21 -21.65 -8.04
N ALA A 675 -12.91 -21.58 -6.74
CA ALA A 675 -13.84 -22.02 -5.71
C ALA A 675 -15.09 -21.14 -5.67
N THR A 676 -14.89 -19.84 -5.84
CA THR A 676 -15.99 -18.88 -5.81
C THR A 676 -16.94 -19.10 -6.98
N LEU A 677 -16.38 -19.32 -8.17
CA LEU A 677 -17.18 -19.53 -9.37
C LEU A 677 -17.90 -20.87 -9.36
N LEU A 678 -17.16 -21.92 -9.05
CA LEU A 678 -17.67 -23.29 -9.15
C LEU A 678 -18.51 -23.71 -7.94
N ARG A 679 -18.27 -23.05 -6.81
CA ARG A 679 -19.03 -23.31 -5.59
C ARG A 679 -18.98 -24.79 -5.19
N GLY A 680 -20.14 -25.45 -5.26
CA GLY A 680 -20.25 -26.85 -4.88
C GLY A 680 -19.41 -27.78 -5.73
N GLN A 681 -19.11 -27.36 -6.96
CA GLN A 681 -18.33 -28.17 -7.88
C GLN A 681 -16.87 -28.29 -7.42
N PHE A 682 -16.46 -27.44 -6.49
CA PHE A 682 -15.08 -27.38 -6.04
C PHE A 682 -14.89 -28.11 -4.70
N ALA A 683 -15.98 -28.67 -4.17
CA ALA A 683 -15.98 -29.28 -2.85
C ALA A 683 -14.92 -30.38 -2.68
N VAL A 684 -14.58 -31.03 -3.77
CA VAL A 684 -13.61 -32.13 -3.75
C VAL A 684 -12.23 -31.69 -3.27
N TYR A 685 -11.94 -30.40 -3.42
CA TYR A 685 -10.62 -29.87 -3.08
C TYR A 685 -10.58 -29.17 -1.72
N VAL A 686 -11.75 -28.92 -1.14
CA VAL A 686 -11.87 -28.11 0.06
C VAL A 686 -10.98 -28.60 1.21
N LYS A 687 -11.07 -29.88 1.54
CA LYS A 687 -10.32 -30.45 2.65
C LYS A 687 -8.81 -30.29 2.46
N GLU A 688 -8.33 -30.51 1.24
CA GLU A 688 -6.92 -30.41 0.95
C GLU A 688 -6.43 -28.96 1.01
N VAL A 689 -7.16 -28.06 0.36
CA VAL A 689 -6.78 -26.66 0.32
C VAL A 689 -6.87 -26.01 1.72
N MET A 690 -7.84 -26.45 2.51
CA MET A 690 -8.02 -25.91 3.86
C MET A 690 -6.89 -26.34 4.79
N GLU A 691 -6.52 -27.62 4.73
CA GLU A 691 -5.55 -28.18 5.66
C GLU A 691 -4.10 -28.01 5.21
N GLU A 692 -3.87 -28.00 3.90
CA GLU A 692 -2.51 -27.94 3.38
C GLU A 692 -2.11 -26.56 2.87
N ILE A 693 -3.08 -25.69 2.66
CA ILE A 693 -2.79 -24.39 2.07
C ILE A 693 -3.32 -23.21 2.89
N ALA A 694 -4.62 -23.23 3.19
CA ALA A 694 -5.27 -22.12 3.87
C ALA A 694 -4.73 -21.88 5.28
N LEU A 695 -4.91 -22.87 6.14
CA LEU A 695 -4.52 -22.75 7.54
C LEU A 695 -3.01 -22.69 7.80
N PRO A 696 -2.19 -23.50 7.08
CA PRO A 696 -0.75 -23.31 7.30
C PRO A 696 -0.25 -21.93 6.88
N SER A 697 -0.99 -21.26 6.01
CA SER A 697 -0.60 -19.95 5.52
C SER A 697 -0.70 -18.87 6.61
N LEU A 698 -1.46 -19.14 7.66
CA LEU A 698 -1.62 -18.20 8.76
C LEU A 698 -0.33 -18.12 9.59
N ASP A 699 0.46 -19.18 9.54
CA ASP A 699 1.72 -19.23 10.30
C ASP A 699 2.89 -18.71 9.46
N PHE A 700 2.58 -17.96 8.41
CA PHE A 700 3.61 -17.36 7.58
C PHE A 700 3.93 -15.95 8.07
N TYR A 701 4.85 -15.87 9.02
CA TYR A 701 5.09 -14.64 9.79
C TYR A 701 6.02 -13.64 9.12
N LEU A 702 6.59 -14.01 7.97
CA LEU A 702 7.51 -13.12 7.27
C LEU A 702 6.92 -12.61 5.97
N HIS A 703 5.63 -12.89 5.76
CA HIS A 703 4.93 -12.46 4.55
C HIS A 703 3.44 -12.33 4.84
N ASP A 704 2.97 -11.09 4.99
CA ASP A 704 1.59 -10.84 5.40
C ASP A 704 0.60 -11.06 4.26
N GLY A 705 1.09 -11.09 3.03
CA GLY A 705 0.25 -11.36 1.88
C GLY A 705 -0.27 -12.78 1.90
N VAL A 706 0.60 -13.70 2.29
CA VAL A 706 0.23 -15.11 2.42
C VAL A 706 -0.80 -15.30 3.53
N ARG A 707 -0.58 -14.63 4.66
CA ARG A 707 -1.50 -14.68 5.80
C ARG A 707 -2.89 -14.18 5.41
N ALA A 708 -2.93 -13.10 4.65
CA ALA A 708 -4.20 -12.51 4.22
C ALA A 708 -4.92 -13.43 3.22
N ALA A 709 -4.16 -13.98 2.28
CA ALA A 709 -4.71 -14.86 1.26
C ALA A 709 -5.25 -16.15 1.89
N GLY A 710 -4.60 -16.59 2.96
CA GLY A 710 -5.03 -17.78 3.66
C GLY A 710 -6.33 -17.57 4.41
N ALA A 711 -6.53 -16.36 4.92
CA ALA A 711 -7.72 -16.03 5.68
C ALA A 711 -8.96 -15.92 4.80
N THR A 712 -8.83 -15.21 3.68
CA THR A 712 -9.94 -15.01 2.77
C THR A 712 -10.35 -16.31 2.09
N LEU A 713 -9.42 -17.27 2.06
CA LEU A 713 -9.66 -18.57 1.45
C LEU A 713 -10.64 -19.40 2.27
N ILE A 714 -10.61 -19.20 3.60
CA ILE A 714 -11.37 -20.03 4.53
C ILE A 714 -12.89 -20.01 4.34
N PRO A 715 -13.54 -18.82 4.33
CA PRO A 715 -15.01 -18.87 4.29
C PRO A 715 -15.54 -19.39 2.96
N ILE A 716 -14.79 -19.17 1.89
CA ILE A 716 -15.19 -19.59 0.56
C ILE A 716 -15.04 -21.11 0.39
N LEU A 717 -14.03 -21.68 1.04
CA LEU A 717 -13.84 -23.13 1.01
C LEU A 717 -14.99 -23.85 1.69
N LEU A 718 -15.34 -23.40 2.91
CA LEU A 718 -16.45 -23.98 3.64
C LEU A 718 -17.76 -23.80 2.88
N SER A 719 -17.88 -22.65 2.23
CA SER A 719 -19.05 -22.34 1.41
C SER A 719 -19.22 -23.35 0.27
N CYS A 720 -18.09 -23.82 -0.25
CA CYS A 720 -18.09 -24.83 -1.31
C CYS A 720 -18.56 -26.19 -0.79
N LEU A 721 -18.12 -26.53 0.41
CA LEU A 721 -18.42 -27.82 1.00
C LEU A 721 -19.88 -27.93 1.43
N LEU A 722 -20.40 -26.84 2.00
CA LEU A 722 -21.79 -26.80 2.46
C LEU A 722 -22.77 -26.98 1.30
N ALA A 723 -22.46 -26.34 0.17
CA ALA A 723 -23.34 -26.38 -1.00
C ALA A 723 -23.41 -27.78 -1.60
N ALA A 724 -22.35 -28.57 -1.41
CA ALA A 724 -22.31 -29.92 -1.95
C ALA A 724 -22.88 -30.93 -0.96
N THR A 725 -22.72 -30.65 0.32
CA THR A 725 -23.23 -31.53 1.38
C THR A 725 -24.01 -30.73 2.42
N ASN A 729 -22.98 -33.33 8.29
CA ASN A 729 -21.58 -33.38 7.91
C ASN A 729 -20.67 -33.04 9.09
N GLU A 730 -19.77 -33.95 9.43
CA GLU A 730 -18.83 -33.73 10.51
C GLU A 730 -17.57 -33.03 10.02
N GLU A 731 -17.23 -33.26 8.76
CA GLU A 731 -16.04 -32.67 8.16
C GLU A 731 -16.13 -31.16 8.09
N LEU A 732 -17.28 -30.66 7.63
CA LEU A 732 -17.52 -29.23 7.54
C LEU A 732 -17.43 -28.58 8.92
N VAL A 733 -17.95 -29.28 9.93
CA VAL A 733 -17.91 -28.81 11.30
C VAL A 733 -16.48 -28.86 11.85
N LEU A 734 -15.78 -29.96 11.57
CA LEU A 734 -14.42 -30.13 12.04
C LEU A 734 -13.48 -29.12 11.41
N LEU A 735 -13.62 -28.92 10.09
CA LEU A 735 -12.79 -27.95 9.39
C LEU A 735 -13.07 -26.52 9.85
N TRP A 736 -14.35 -26.21 10.07
CA TRP A 736 -14.73 -24.89 10.55
C TRP A 736 -14.20 -24.63 11.96
N HIS A 737 -14.26 -25.65 12.81
CA HIS A 737 -13.75 -25.52 14.16
C HIS A 737 -12.24 -25.31 14.14
N LYS A 738 -11.57 -26.01 13.23
CA LYS A 738 -10.13 -25.86 13.05
C LYS A 738 -9.78 -24.49 12.47
N ALA A 739 -10.57 -24.06 11.49
CA ALA A 739 -10.33 -22.79 10.83
C ALA A 739 -10.62 -21.61 11.75
N SER A 740 -11.73 -21.68 12.47
CA SER A 740 -12.12 -20.61 13.38
C SER A 740 -11.16 -20.47 14.56
N SER A 741 -10.65 -21.60 15.03
CA SER A 741 -9.74 -21.61 16.18
C SER A 741 -8.39 -20.99 15.82
N LYS A 742 -7.94 -21.20 14.60
CA LYS A 742 -6.66 -20.65 14.17
C LYS A 742 -6.82 -19.17 13.80
N LEU A 743 -8.02 -18.81 13.35
CA LEU A 743 -8.34 -17.41 13.10
C LEU A 743 -8.38 -16.64 14.42
N ILE A 744 -9.03 -17.23 15.41
CA ILE A 744 -9.12 -16.65 16.74
C ILE A 744 -7.75 -16.52 17.39
N GLY A 745 -6.95 -17.58 17.28
CA GLY A 745 -5.61 -17.60 17.85
C GLY A 745 -4.70 -16.56 17.24
N GLY A 746 -4.98 -16.18 16.00
CA GLY A 746 -4.18 -15.19 15.31
C GLY A 746 -4.38 -13.78 15.83
N LEU A 747 -5.54 -13.54 16.44
CA LEU A 747 -5.91 -12.21 16.91
C LEU A 747 -5.00 -11.70 18.03
N MET A 748 -4.61 -12.60 18.94
CA MET A 748 -3.83 -12.21 20.10
C MET A 748 -2.33 -12.36 19.84
N SER A 749 -1.96 -12.47 18.57
CA SER A 749 -0.56 -12.68 18.22
C SER A 749 -0.13 -11.86 16.99
N GLU A 750 -1.06 -11.65 16.07
CA GLU A 750 -0.77 -10.93 14.83
C GLU A 750 -0.28 -9.51 15.07
N PRO A 751 0.97 -9.22 14.67
CA PRO A 751 1.59 -7.90 14.85
C PRO A 751 0.99 -6.84 13.92
N MET A 752 0.72 -7.20 12.67
CA MET A 752 0.19 -6.24 11.69
C MET A 752 -1.31 -6.01 11.91
N PRO A 753 -1.68 -4.75 12.19
CA PRO A 753 -3.08 -4.37 12.37
C PRO A 753 -3.91 -4.58 11.11
N GLU A 754 -3.25 -4.48 9.95
CA GLU A 754 -3.92 -4.68 8.67
C GLU A 754 -4.40 -6.12 8.52
N ILE A 755 -3.57 -7.06 8.98
CA ILE A 755 -3.91 -8.48 8.90
C ILE A 755 -4.98 -8.84 9.93
N THR A 756 -4.91 -8.21 11.09
CA THR A 756 -5.90 -8.43 12.15
C THR A 756 -7.31 -8.15 11.65
N GLN A 757 -7.44 -7.14 10.80
CA GLN A 757 -8.71 -6.79 10.19
C GLN A 757 -9.22 -7.91 9.30
N VAL A 758 -8.32 -8.56 8.57
CA VAL A 758 -8.67 -9.63 7.66
C VAL A 758 -9.22 -10.84 8.42
N TYR A 759 -8.60 -11.17 9.54
CA TYR A 759 -9.03 -12.30 10.36
C TYR A 759 -10.45 -12.11 10.89
N HIS A 760 -10.71 -10.91 11.42
CA HIS A 760 -12.05 -10.58 11.90
C HIS A 760 -13.06 -10.65 10.77
N ASN A 761 -12.70 -10.06 9.63
CA ASN A 761 -13.55 -10.12 8.44
C ASN A 761 -13.75 -11.56 7.98
N SER A 762 -12.70 -12.35 8.09
CA SER A 762 -12.77 -13.77 7.73
C SER A 762 -13.70 -14.52 8.67
N LEU A 763 -13.69 -14.15 9.94
CA LEU A 763 -14.56 -14.76 10.93
C LEU A 763 -16.03 -14.48 10.64
N VAL A 764 -16.35 -13.22 10.37
CA VAL A 764 -17.71 -12.82 10.04
C VAL A 764 -18.24 -13.61 8.85
N ASN A 765 -17.43 -13.65 7.79
CA ASN A 765 -17.80 -14.38 6.59
C ASN A 765 -17.94 -15.87 6.87
N GLY A 766 -17.10 -16.39 7.77
CA GLY A 766 -17.18 -17.78 8.18
C GLY A 766 -18.44 -18.05 8.96
N ILE A 767 -18.75 -17.17 9.92
CA ILE A 767 -19.96 -17.29 10.72
C ILE A 767 -21.21 -17.19 9.85
N LYS A 768 -21.16 -16.29 8.86
CA LYS A 768 -22.25 -16.13 7.91
C LYS A 768 -22.53 -17.44 7.17
N VAL A 769 -21.46 -18.14 6.80
CA VAL A 769 -21.59 -19.41 6.10
C VAL A 769 -22.12 -20.52 7.00
N MET A 770 -21.48 -20.69 8.15
CA MET A 770 -21.76 -21.83 9.03
C MET A 770 -23.11 -21.72 9.74
N GLY A 771 -23.58 -20.50 9.93
CA GLY A 771 -24.91 -20.29 10.49
C GLY A 771 -24.97 -20.15 12.00
N ASP A 772 -25.94 -20.83 12.62
CA ASP A 772 -26.17 -20.73 14.06
C ASP A 772 -25.41 -21.80 14.86
N ASN A 773 -25.11 -21.48 16.11
CA ASN A 773 -24.42 -22.37 17.05
C ASN A 773 -23.05 -22.83 16.55
N CYS A 774 -22.39 -22.00 15.75
CA CYS A 774 -21.14 -22.38 15.11
C CYS A 774 -19.90 -22.14 15.97
N LEU A 775 -20.10 -21.67 17.20
CA LEU A 775 -18.98 -21.41 18.10
C LEU A 775 -19.16 -22.09 19.46
N SER A 776 -18.05 -22.49 20.07
CA SER A 776 -18.08 -23.14 21.38
C SER A 776 -17.66 -22.16 22.47
N GLU A 777 -17.84 -22.57 23.73
CA GLU A 777 -17.59 -21.69 24.87
C GLU A 777 -16.13 -21.24 24.96
N ASP A 778 -15.21 -22.18 24.71
CA ASP A 778 -13.78 -21.89 24.68
C ASP A 778 -13.49 -20.84 23.61
N GLN A 779 -13.98 -21.09 22.39
CA GLN A 779 -13.78 -20.19 21.28
C GLN A 779 -14.27 -18.78 21.57
N LEU A 780 -15.45 -18.67 22.16
CA LEU A 780 -16.03 -17.37 22.50
C LEU A 780 -15.19 -16.64 23.55
N ALA A 781 -14.58 -17.40 24.45
CA ALA A 781 -13.74 -16.82 25.49
C ALA A 781 -12.39 -16.40 24.91
N ALA A 782 -11.84 -17.22 24.03
CA ALA A 782 -10.56 -16.93 23.39
C ALA A 782 -10.71 -15.79 22.38
N PHE A 783 -11.92 -15.62 21.86
CA PHE A 783 -12.22 -14.53 20.95
C PHE A 783 -12.23 -13.21 21.72
N THR A 784 -12.77 -13.25 22.93
CA THR A 784 -12.81 -12.08 23.79
C THR A 784 -11.40 -11.61 24.16
N LYS A 785 -10.51 -12.58 24.33
CA LYS A 785 -9.10 -12.29 24.60
C LYS A 785 -8.48 -11.52 23.45
N GLY A 786 -8.74 -11.98 22.23
CA GLY A 786 -8.22 -11.34 21.03
C GLY A 786 -8.79 -9.96 20.83
N VAL A 787 -10.09 -9.82 21.04
CA VAL A 787 -10.76 -8.52 20.91
C VAL A 787 -10.14 -7.51 21.88
N SER A 788 -9.86 -7.97 23.10
CA SER A 788 -9.22 -7.13 24.11
C SER A 788 -7.84 -6.65 23.65
N ALA A 789 -7.00 -7.60 23.23
CA ALA A 789 -5.64 -7.30 22.79
C ALA A 789 -5.65 -6.37 21.56
N ASN A 790 -6.64 -6.55 20.71
CA ASN A 790 -6.77 -5.69 19.53
C ASN A 790 -7.18 -4.27 19.92
N LEU A 791 -8.12 -4.17 20.86
CA LEU A 791 -8.58 -2.87 21.35
C LEU A 791 -7.50 -2.18 22.19
N THR A 792 -6.78 -2.99 22.97
CA THR A 792 -5.73 -2.47 23.83
C THR A 792 -4.60 -1.85 23.01
N ASP A 793 -4.15 -2.57 21.99
CA ASP A 793 -3.03 -2.11 21.16
C ASP A 793 -3.43 -0.96 20.24
N THR A 794 -4.71 -0.90 19.88
CA THR A 794 -5.20 0.19 19.05
C THR A 794 -5.28 1.48 19.85
N TYR A 795 -5.73 1.36 21.11
CA TYR A 795 -5.78 2.50 22.02
C TYR A 795 -4.37 3.02 22.28
N GLU A 796 -3.43 2.11 22.45
CA GLU A 796 -2.05 2.46 22.71
C GLU A 796 -1.41 3.18 21.53
N ARG A 797 -1.68 2.70 20.33
CA ARG A 797 -1.09 3.29 19.12
C ARG A 797 -1.69 4.65 18.79
N MET A 798 -2.98 4.83 19.09
CA MET A 798 -3.66 6.07 18.75
C MET A 798 -3.36 7.19 19.74
N GLN A 799 -2.89 6.82 20.93
CA GLN A 799 -2.53 7.80 21.96
C GLN A 799 -1.09 8.27 21.79
N ASP A 800 -0.54 8.06 20.59
CA ASP A 800 0.83 8.45 20.29
C ASP A 800 0.87 9.50 19.19
N ASP A 806 3.95 19.02 16.10
CA ASP A 806 5.20 18.69 16.77
C ASP A 806 6.28 19.71 16.42
N GLU A 807 7.27 19.84 17.32
CA GLU A 807 8.37 20.78 17.13
C GLU A 807 9.19 20.48 15.87
N TYR A 808 9.26 19.20 15.51
CA TYR A 808 10.10 18.78 14.39
C TYR A 808 9.29 18.32 13.18
N ASN A 809 8.08 17.83 13.42
CA ASN A 809 7.25 17.32 12.34
C ASN A 809 5.96 18.10 12.16
N GLU A 810 5.44 18.11 10.94
CA GLU A 810 4.14 18.70 10.68
C GLU A 810 3.04 17.80 11.20
N ASN A 811 1.85 18.36 11.41
CA ASN A 811 0.74 17.64 12.04
C ASN A 811 0.43 16.29 11.40
N GLU A 815 -2.77 11.79 8.15
CA GLU A 815 -3.69 10.69 8.44
C GLU A 815 -3.10 9.35 8.02
N GLU A 816 -3.64 8.79 6.94
CA GLU A 816 -3.29 7.45 6.46
C GLU A 816 -3.60 6.37 7.50
N ASP A 817 -4.18 6.77 8.62
CA ASP A 817 -4.33 5.84 9.73
C ASP A 817 -5.75 5.24 9.83
N PHE A 818 -6.46 5.19 8.71
CA PHE A 818 -7.74 4.50 8.66
C PHE A 818 -7.52 3.02 8.91
N THR A 819 -6.26 2.59 8.83
CA THR A 819 -5.83 1.28 9.28
C THR A 819 -6.39 0.96 10.67
N ASP A 820 -6.37 1.95 11.56
CA ASP A 820 -6.96 1.81 12.88
C ASP A 820 -8.48 1.86 12.80
N GLU A 821 -9.01 2.75 11.97
CA GLU A 821 -10.46 2.88 11.82
C GLU A 821 -11.05 1.67 11.13
N ASP A 822 -10.39 1.19 10.06
CA ASP A 822 -10.85 0.01 9.33
C ASP A 822 -10.78 -1.23 10.21
N LEU A 823 -9.78 -1.28 11.08
CA LEU A 823 -9.62 -2.38 12.03
C LEU A 823 -10.78 -2.38 13.01
N LEU A 824 -11.03 -1.23 13.61
CA LEU A 824 -12.17 -1.07 14.51
C LEU A 824 -13.50 -1.26 13.79
N ASP A 825 -13.51 -0.95 12.50
CA ASP A 825 -14.69 -1.22 11.68
C ASP A 825 -15.01 -2.70 11.77
N GLU A 826 -14.17 -3.55 11.18
CA GLU A 826 -14.40 -5.00 11.15
C GLU A 826 -14.61 -5.67 12.52
N ILE A 827 -14.00 -5.14 13.58
CA ILE A 827 -14.18 -5.71 14.92
C ILE A 827 -15.65 -5.62 15.38
N ASN A 828 -16.30 -4.51 15.06
CA ASN A 828 -17.71 -4.30 15.38
C ASN A 828 -18.64 -5.28 14.67
N LYS A 829 -18.25 -5.70 13.47
CA LYS A 829 -19.05 -6.63 12.68
C LYS A 829 -18.85 -8.06 13.16
N SER A 830 -17.66 -8.36 13.68
CA SER A 830 -17.39 -9.66 14.27
C SER A 830 -18.15 -9.84 15.57
N ILE A 831 -18.15 -8.79 16.39
CA ILE A 831 -18.91 -8.79 17.63
C ILE A 831 -20.39 -8.94 17.34
N ALA A 832 -20.88 -8.21 16.33
CA ALA A 832 -22.27 -8.31 15.91
C ALA A 832 -22.58 -9.71 15.38
N ALA A 833 -21.63 -10.29 14.66
CA ALA A 833 -21.80 -11.63 14.11
C ALA A 833 -21.77 -12.69 15.20
N VAL A 834 -20.85 -12.53 16.15
CA VAL A 834 -20.73 -13.46 17.26
C VAL A 834 -21.96 -13.39 18.17
N LEU A 835 -22.43 -12.17 18.40
CA LEU A 835 -23.66 -11.96 19.18
C LEU A 835 -24.85 -12.66 18.52
N LYS A 836 -24.90 -12.60 17.19
CA LYS A 836 -26.01 -13.16 16.44
C LYS A 836 -26.00 -14.69 16.46
N THR A 837 -24.83 -15.29 16.28
CA THR A 837 -24.73 -16.75 16.24
C THR A 837 -24.89 -17.36 17.63
N THR A 838 -24.53 -16.60 18.66
CA THR A 838 -24.72 -17.04 20.04
C THR A 838 -26.13 -16.74 20.49
N ASN A 839 -26.83 -15.92 19.71
CA ASN A 839 -28.18 -15.46 20.02
C ASN A 839 -28.24 -14.81 21.40
N GLY A 840 -27.16 -14.14 21.78
CA GLY A 840 -27.13 -13.39 23.02
C GLY A 840 -26.08 -13.82 24.03
N HIS A 841 -25.82 -15.12 24.11
CA HIS A 841 -24.99 -15.68 25.17
C HIS A 841 -23.53 -15.18 25.18
N TYR A 842 -23.19 -14.33 24.22
CA TYR A 842 -21.88 -13.68 24.21
C TYR A 842 -21.91 -12.41 25.05
N LEU A 843 -23.10 -12.09 25.56
CA LEU A 843 -23.26 -10.95 26.47
C LEU A 843 -22.39 -11.11 27.70
N LYS A 844 -22.35 -12.33 28.23
CA LYS A 844 -21.56 -12.63 29.42
C LYS A 844 -20.07 -12.40 29.18
N ASN A 845 -19.56 -12.95 28.09
CA ASN A 845 -18.15 -12.82 27.73
C ASN A 845 -17.76 -11.37 27.46
N LEU A 846 -18.70 -10.61 26.92
CA LEU A 846 -18.43 -9.25 26.45
C LEU A 846 -18.26 -8.26 27.61
N GLU A 847 -18.71 -8.65 28.80
CA GLU A 847 -18.61 -7.76 29.96
C GLU A 847 -17.19 -7.63 30.46
N ASN A 848 -16.36 -8.64 30.19
CA ASN A 848 -14.98 -8.64 30.66
C ASN A 848 -14.14 -7.52 30.07
N ILE A 849 -14.59 -6.96 28.95
CA ILE A 849 -13.83 -5.92 28.27
C ILE A 849 -14.58 -4.59 28.21
N TRP A 850 -15.60 -4.45 29.05
CA TRP A 850 -16.33 -3.17 29.15
C TRP A 850 -15.46 -2.02 29.69
N PRO A 851 -14.58 -2.29 30.68
CA PRO A 851 -13.67 -1.22 31.11
C PRO A 851 -12.92 -0.54 29.96
N MET A 852 -12.46 -1.30 28.98
CA MET A 852 -11.80 -0.73 27.82
C MET A 852 -12.81 -0.08 26.88
N ILE A 853 -13.98 -0.72 26.75
CA ILE A 853 -15.08 -0.17 25.98
C ILE A 853 -15.47 1.21 26.49
N ASN A 854 -15.55 1.32 27.82
CA ASN A 854 -15.94 2.56 28.48
C ASN A 854 -14.99 3.71 28.18
N THR A 855 -13.69 3.40 28.16
CA THR A 855 -12.66 4.40 27.89
C THR A 855 -12.80 4.99 26.49
N PHE A 856 -13.08 4.13 25.52
CA PHE A 856 -13.30 4.55 24.13
C PHE A 856 -14.43 5.57 24.04
N LEU A 857 -15.55 5.24 24.68
CA LEU A 857 -16.74 6.10 24.68
C LEU A 857 -16.46 7.46 25.28
N LEU A 858 -15.61 7.49 26.31
CA LEU A 858 -15.28 8.74 26.99
C LEU A 858 -13.87 9.24 26.67
N ASP A 859 -13.39 8.92 25.48
CA ASP A 859 -12.15 9.49 24.97
C ASP A 859 -12.54 10.57 23.97
N ASN A 860 -11.75 11.64 23.91
CA ASN A 860 -12.02 12.76 23.02
C ASN A 860 -11.99 12.38 21.53
N GLU A 861 -11.33 11.26 21.24
CA GLU A 861 -10.95 10.91 19.88
C GLU A 861 -12.03 10.16 19.09
N PRO A 862 -12.51 10.78 17.98
CA PRO A 862 -13.67 10.38 17.19
C PRO A 862 -13.76 8.90 16.82
N ILE A 863 -12.66 8.31 16.35
CA ILE A 863 -12.69 6.93 15.89
C ILE A 863 -13.04 5.96 17.02
N LEU A 864 -12.43 6.15 18.18
CA LEU A 864 -12.71 5.31 19.34
C LEU A 864 -14.13 5.55 19.87
N VAL A 865 -14.62 6.78 19.69
CA VAL A 865 -15.97 7.14 20.09
C VAL A 865 -17.00 6.42 19.23
N ILE A 866 -16.79 6.47 17.92
CA ILE A 866 -17.68 5.82 16.97
C ILE A 866 -17.75 4.32 17.22
N PHE A 867 -16.57 3.71 17.43
CA PHE A 867 -16.49 2.29 17.71
C PHE A 867 -17.35 1.91 18.92
N ALA A 868 -17.12 2.58 20.05
CA ALA A 868 -17.82 2.28 21.28
C ALA A 868 -19.33 2.43 21.14
N LEU A 869 -19.76 3.46 20.44
CA LEU A 869 -21.19 3.70 20.21
C LEU A 869 -21.83 2.56 19.43
N VAL A 870 -21.15 2.09 18.39
CA VAL A 870 -21.67 1.03 17.55
C VAL A 870 -21.77 -0.29 18.32
N VAL A 871 -20.81 -0.54 19.20
CA VAL A 871 -20.82 -1.74 20.04
C VAL A 871 -22.06 -1.76 20.94
N ILE A 872 -22.33 -0.63 21.59
CA ILE A 872 -23.46 -0.51 22.49
C ILE A 872 -24.78 -0.70 21.74
N GLY A 873 -24.84 -0.19 20.52
CA GLY A 873 -26.02 -0.36 19.68
C GLY A 873 -26.30 -1.83 19.38
N ASP A 874 -25.23 -2.59 19.17
CA ASP A 874 -25.32 -4.03 18.93
C ASP A 874 -25.66 -4.79 20.21
N LEU A 875 -25.30 -4.20 21.34
CA LEU A 875 -25.55 -4.82 22.64
C LEU A 875 -27.03 -4.93 22.95
N ILE A 876 -27.68 -3.77 22.97
CA ILE A 876 -29.12 -3.70 23.16
C ILE A 876 -29.82 -4.62 22.17
N GLN A 877 -29.27 -4.79 20.98
CA GLN A 877 -29.85 -5.69 19.97
C GLN A 877 -30.23 -7.09 20.49
N TYR A 878 -29.64 -7.52 21.61
CA TYR A 878 -29.92 -8.85 22.15
C TYR A 878 -30.13 -8.82 23.66
N ASN A 888 -26.56 1.70 32.08
CA ASN A 888 -26.76 2.93 32.83
C ASN A 888 -25.72 3.99 32.49
N ALA A 889 -24.45 3.62 32.53
CA ALA A 889 -23.35 4.59 32.45
C ALA A 889 -22.87 4.87 31.03
N PHE A 890 -23.79 4.90 30.07
CA PHE A 890 -23.42 5.25 28.70
C PHE A 890 -24.38 6.31 28.12
N ILE A 891 -25.59 6.37 28.67
CA ILE A 891 -26.54 7.41 28.31
C ILE A 891 -25.99 8.85 28.47
N PRO A 892 -25.20 9.12 29.54
CA PRO A 892 -24.56 10.44 29.65
C PRO A 892 -23.86 10.93 28.40
N LYS A 893 -23.01 10.08 27.80
CA LYS A 893 -22.22 10.47 26.64
C LYS A 893 -23.02 10.45 25.33
N VAL A 894 -23.97 9.53 25.24
CA VAL A 894 -24.75 9.37 24.02
C VAL A 894 -25.58 10.61 23.73
N THR A 895 -26.24 11.14 24.75
CA THR A 895 -27.04 12.35 24.60
C THR A 895 -26.16 13.54 24.24
N GLU A 896 -24.92 13.53 24.73
CA GLU A 896 -23.95 14.56 24.38
C GLU A 896 -23.54 14.39 22.91
N CYS A 897 -23.47 13.14 22.47
CA CYS A 897 -23.07 12.81 21.11
C CYS A 897 -24.18 13.10 20.10
N LEU A 898 -25.40 13.26 20.58
CA LEU A 898 -26.54 13.53 19.70
C LEU A 898 -26.37 14.85 18.94
N ILE A 899 -25.81 15.84 19.62
CA ILE A 899 -25.65 17.17 19.04
C ILE A 899 -24.24 17.40 18.51
N SER A 900 -23.46 16.33 18.42
CA SER A 900 -22.07 16.41 17.98
C SER A 900 -21.94 17.01 16.57
N PRO A 901 -20.86 17.77 16.34
CA PRO A 901 -20.58 18.34 15.02
C PRO A 901 -20.30 17.27 13.97
N ASP A 902 -19.91 16.09 14.42
CA ASP A 902 -19.62 14.98 13.52
C ASP A 902 -20.89 14.16 13.27
N ALA A 903 -21.26 14.01 11.99
CA ALA A 903 -22.48 13.31 11.62
C ALA A 903 -22.40 11.81 11.93
N ARG A 904 -21.20 11.25 11.86
CA ARG A 904 -21.00 9.84 12.14
C ARG A 904 -21.35 9.52 13.58
N ILE A 905 -21.05 10.46 14.48
CA ILE A 905 -21.31 10.29 15.90
C ILE A 905 -22.79 10.48 16.21
N ARG A 906 -23.43 11.39 15.49
CA ARG A 906 -24.86 11.61 15.64
C ARG A 906 -25.65 10.38 15.18
N GLN A 907 -25.20 9.78 14.08
CA GLN A 907 -25.85 8.60 13.52
C GLN A 907 -25.80 7.42 14.50
N ALA A 908 -24.62 7.15 15.04
CA ALA A 908 -24.42 6.05 15.96
C ALA A 908 -25.20 6.27 17.25
N ALA A 909 -25.22 7.52 17.72
CA ALA A 909 -25.91 7.87 18.95
C ALA A 909 -27.43 7.74 18.80
N SER A 910 -27.95 8.26 17.70
CA SER A 910 -29.39 8.21 17.42
C SER A 910 -29.89 6.78 17.35
N TYR A 911 -29.09 5.90 16.75
CA TYR A 911 -29.44 4.49 16.64
C TYR A 911 -29.51 3.84 18.01
N ILE A 912 -28.60 4.23 18.90
CA ILE A 912 -28.59 3.72 20.27
C ILE A 912 -29.87 4.10 21.00
N ILE A 913 -30.26 5.36 20.89
CA ILE A 913 -31.49 5.85 21.52
C ILE A 913 -32.71 5.17 20.89
N GLY A 914 -32.69 5.05 19.56
CA GLY A 914 -33.78 4.42 18.84
C GLY A 914 -33.91 2.95 19.16
N VAL A 915 -32.78 2.28 19.29
CA VAL A 915 -32.76 0.84 19.54
C VAL A 915 -33.13 0.54 20.99
N CYS A 916 -33.02 1.55 21.85
CA CYS A 916 -33.40 1.41 23.26
C CYS A 916 -34.91 1.23 23.40
N ALA A 917 -35.65 2.09 22.72
CA ALA A 917 -37.10 1.98 22.71
C ALA A 917 -37.54 0.77 21.90
N GLN A 918 -36.62 0.11 21.19
CA GLN A 918 -37.06 -1.00 20.32
C GLN A 918 -37.42 -2.31 20.99
N TYR A 919 -36.57 -2.82 21.88
CA TYR A 919 -36.77 -4.10 22.61
C TYR A 919 -36.16 -4.06 24.03
N ALA A 920 -35.76 -2.87 24.44
CA ALA A 920 -35.52 -2.57 25.84
C ALA A 920 -36.57 -1.55 26.24
N ALA A 925 -37.69 4.72 28.50
CA ALA A 925 -38.73 5.73 28.35
C ALA A 925 -38.36 7.02 29.07
N ASP A 926 -37.60 6.89 30.15
CA ASP A 926 -37.17 8.04 30.94
C ASP A 926 -36.07 8.82 30.23
N VAL A 927 -35.65 8.32 29.07
CA VAL A 927 -34.63 8.98 28.26
C VAL A 927 -35.10 9.20 26.83
N CYS A 928 -35.82 8.23 26.29
CA CYS A 928 -36.29 8.28 24.91
C CYS A 928 -37.22 9.47 24.67
N ILE A 929 -38.29 9.53 25.45
CA ILE A 929 -39.27 10.63 25.34
C ILE A 929 -38.65 12.01 25.67
N PRO A 930 -37.80 12.11 26.70
CA PRO A 930 -37.14 13.40 26.88
C PRO A 930 -36.28 13.84 25.69
N THR A 931 -35.53 12.92 25.10
CA THR A 931 -34.65 13.23 23.98
C THR A 931 -35.41 13.35 22.66
N LEU A 932 -36.72 13.16 22.72
CA LEU A 932 -37.52 13.02 21.51
C LEU A 932 -37.59 14.32 20.69
N ASP A 933 -37.41 15.47 21.35
CA ASP A 933 -37.38 16.74 20.65
C ASP A 933 -35.96 17.17 20.30
N THR A 934 -34.97 16.53 20.94
CA THR A 934 -33.58 16.69 20.53
C THR A 934 -33.44 16.20 19.10
N LEU A 935 -34.00 15.02 18.86
CA LEU A 935 -33.90 14.35 17.56
C LEU A 935 -34.78 15.00 16.50
N VAL A 936 -35.85 15.67 16.94
CA VAL A 936 -36.62 16.61 16.13
C VAL A 936 -35.72 17.67 15.53
N GLN A 937 -34.85 18.23 16.36
CA GLN A 937 -33.98 19.32 15.94
C GLN A 937 -32.84 18.83 15.06
N ILE A 938 -32.27 17.69 15.42
CA ILE A 938 -31.17 17.10 14.65
C ILE A 938 -31.64 16.79 13.24
N VAL A 939 -32.92 16.44 13.11
CA VAL A 939 -33.53 16.13 11.83
C VAL A 939 -33.53 17.33 10.89
N ASP A 940 -33.63 18.53 11.47
CA ASP A 940 -33.79 19.76 10.70
C ASP A 940 -32.49 20.54 10.59
N SER A 944 -28.83 18.95 6.86
CA SER A 944 -29.54 17.71 7.17
C SER A 944 -29.66 16.82 5.95
N LYS A 945 -30.45 17.26 4.98
CA LYS A 945 -30.63 16.52 3.73
C LYS A 945 -29.46 16.78 2.78
N LEU A 946 -28.25 16.55 3.26
CA LEU A 946 -27.04 16.72 2.47
C LEU A 946 -26.29 15.40 2.41
N GLU A 947 -25.67 15.12 1.27
CA GLU A 947 -25.05 13.82 0.99
C GLU A 947 -24.13 13.32 2.11
N GLU A 948 -23.41 14.24 2.75
CA GLU A 948 -22.49 13.86 3.81
C GLU A 948 -23.21 13.50 5.10
N ASN A 949 -24.32 14.18 5.38
CA ASN A 949 -25.04 13.97 6.63
C ASN A 949 -26.44 13.37 6.43
N ARG A 950 -26.72 12.93 5.20
CA ARG A 950 -28.02 12.33 4.88
C ARG A 950 -28.26 11.06 5.69
N SER A 951 -27.19 10.32 5.93
CA SER A 951 -27.28 9.05 6.66
C SER A 951 -27.63 9.27 8.14
N SER A 952 -27.03 10.29 8.74
CA SER A 952 -27.23 10.59 10.15
C SER A 952 -28.68 10.98 10.46
N THR A 953 -29.22 11.89 9.66
CA THR A 953 -30.56 12.43 9.89
C THR A 953 -31.65 11.40 9.57
N GLU A 954 -31.27 10.32 8.90
CA GLU A 954 -32.22 9.27 8.55
C GLU A 954 -32.32 8.24 9.67
N ASN A 955 -31.25 8.11 10.45
CA ASN A 955 -31.30 7.26 11.64
C ASN A 955 -32.07 7.93 12.76
N ALA A 956 -31.82 9.23 12.95
CA ALA A 956 -32.56 10.03 13.91
C ALA A 956 -34.04 9.99 13.58
N SER A 957 -34.34 10.14 12.30
CA SER A 957 -35.69 9.96 11.76
C SER A 957 -36.33 8.65 12.21
N ALA A 958 -35.62 7.56 11.98
CA ALA A 958 -36.11 6.24 12.33
C ALA A 958 -36.21 6.07 13.85
N ALA A 959 -35.33 6.75 14.56
CA ALA A 959 -35.31 6.71 16.02
C ALA A 959 -36.58 7.33 16.59
N ILE A 960 -37.13 8.30 15.86
CA ILE A 960 -38.40 8.90 16.23
C ILE A 960 -39.52 7.87 16.09
N ALA A 961 -39.52 7.18 14.95
CA ALA A 961 -40.63 6.34 14.54
C ALA A 961 -40.94 5.19 15.50
N LYS A 962 -39.93 4.71 16.23
CA LYS A 962 -40.17 3.59 17.13
C LYS A 962 -40.28 3.99 18.61
N ILE A 963 -39.77 5.17 18.97
CA ILE A 963 -40.26 5.80 20.20
C ILE A 963 -41.77 6.01 20.02
N LEU A 964 -42.13 6.41 18.81
CA LEU A 964 -43.52 6.63 18.46
C LEU A 964 -44.29 5.34 18.19
N TYR A 965 -43.64 4.19 18.36
CA TYR A 965 -44.36 2.93 18.10
C TYR A 965 -44.66 2.15 19.38
N ALA A 966 -43.69 2.08 20.27
CA ALA A 966 -43.86 1.32 21.51
C ALA A 966 -44.68 2.10 22.54
N TYR A 967 -44.68 3.43 22.42
CA TYR A 967 -45.31 4.28 23.44
C TYR A 967 -46.62 4.90 22.96
N ASN A 968 -46.83 4.86 21.64
CA ASN A 968 -47.91 5.56 20.91
C ASN A 968 -49.03 6.18 21.75
N VAL A 974 -48.58 13.61 20.89
CA VAL A 974 -47.87 12.65 20.05
C VAL A 974 -48.21 12.83 18.58
N ASP A 975 -49.47 13.14 18.31
CA ASP A 975 -49.94 13.26 16.93
C ASP A 975 -49.37 14.51 16.27
N THR A 976 -48.65 15.32 17.02
CA THR A 976 -47.96 16.43 16.41
C THR A 976 -46.51 16.01 16.18
N TYR A 977 -46.03 15.10 17.03
CA TYR A 977 -44.71 14.48 16.87
C TYR A 977 -44.64 13.64 15.59
N THR A 978 -45.72 12.93 15.30
CA THR A 978 -45.83 12.12 14.09
C THR A 978 -45.85 12.99 12.84
N ALA A 979 -46.51 14.15 12.94
CA ALA A 979 -46.59 15.10 11.84
C ALA A 979 -45.20 15.63 11.51
N ASN A 980 -44.36 15.72 12.54
CA ASN A 980 -42.99 16.19 12.43
C ASN A 980 -42.21 15.09 11.76
N TRP A 981 -42.32 13.88 12.28
CA TRP A 981 -41.67 12.71 11.69
C TRP A 981 -42.07 12.52 10.23
N PHE A 982 -43.29 12.89 9.87
CA PHE A 982 -43.75 12.64 8.51
C PHE A 982 -42.96 13.45 7.48
N LYS A 983 -42.51 14.64 7.86
CA LYS A 983 -41.75 15.49 6.96
C LYS A 983 -40.25 15.18 7.02
N THR A 984 -39.92 14.00 7.52
CA THR A 984 -38.54 13.50 7.45
C THR A 984 -38.49 12.51 6.29
N LEU A 985 -39.65 12.02 5.89
CA LEU A 985 -39.77 11.10 4.78
C LEU A 985 -39.46 11.81 3.47
N PRO A 986 -38.95 11.07 2.47
CA PRO A 986 -38.70 9.63 2.51
C PRO A 986 -37.29 9.26 2.99
N THR A 987 -37.09 7.98 3.28
CA THR A 987 -35.81 7.47 3.70
C THR A 987 -35.18 6.66 2.56
N ILE A 988 -34.06 7.13 2.04
CA ILE A 988 -33.53 6.57 0.79
C ILE A 988 -32.11 6.01 0.89
N THR A 989 -31.41 6.31 1.98
CA THR A 989 -30.01 5.90 2.11
C THR A 989 -29.85 4.68 3.03
N ASP A 990 -30.30 4.81 4.27
CA ASP A 990 -30.18 3.73 5.24
C ASP A 990 -31.27 2.68 5.02
N LYS A 991 -30.86 1.44 4.84
CA LYS A 991 -31.79 0.36 4.51
C LYS A 991 -32.62 -0.09 5.71
N GLU A 992 -31.96 -0.35 6.83
CA GLU A 992 -32.63 -0.85 8.02
C GLU A 992 -33.50 0.22 8.68
N ALA A 993 -33.11 1.48 8.51
CA ALA A 993 -33.90 2.59 9.03
C ALA A 993 -35.16 2.79 8.20
N ALA A 994 -34.99 2.78 6.88
CA ALA A 994 -36.11 2.91 5.95
C ALA A 994 -37.04 1.72 6.06
N SER A 995 -36.45 0.55 6.30
CA SER A 995 -37.25 -0.65 6.51
C SER A 995 -38.25 -0.42 7.62
N PHE A 996 -37.90 0.34 8.67
CA PHE A 996 -38.89 0.51 9.71
C PHE A 996 -39.81 1.70 9.53
N ASN A 997 -39.31 2.79 8.98
CA ASN A 997 -40.14 3.98 8.84
C ASN A 997 -41.43 3.68 8.09
N TYR A 998 -41.32 2.80 7.11
CA TYR A 998 -42.47 2.45 6.28
C TYR A 998 -43.30 1.35 6.92
N GLN A 999 -42.66 0.57 7.79
CA GLN A 999 -43.39 -0.41 8.59
C GLN A 999 -44.34 0.32 9.54
N PHE A 1000 -43.83 1.39 10.16
CA PHE A 1000 -44.64 2.24 11.02
C PHE A 1000 -45.68 2.99 10.20
N LEU A 1001 -45.29 3.43 9.02
CA LEU A 1001 -46.19 4.16 8.14
C LEU A 1001 -47.39 3.31 7.72
N SER A 1002 -47.18 1.99 7.67
CA SER A 1002 -48.23 1.07 7.29
C SER A 1002 -49.10 0.69 8.49
N GLN A 1003 -48.59 0.98 9.69
CA GLN A 1003 -49.36 0.74 10.91
C GLN A 1003 -50.30 1.91 11.17
N LEU A 1004 -49.90 3.09 10.75
CA LEU A 1004 -50.70 4.30 10.89
C LEU A 1004 -51.79 4.37 9.82
N ILE A 1005 -51.95 3.30 9.06
CA ILE A 1005 -52.92 3.26 7.98
C ILE A 1005 -53.82 2.03 8.08
N GLU A 1006 -53.23 0.84 7.97
CA GLU A 1006 -53.98 -0.40 7.99
C GLU A 1006 -54.54 -0.70 9.37
N GLN A 1015 -56.92 13.40 3.86
CA GLN A 1015 -56.50 14.79 3.97
C GLN A 1015 -55.74 15.25 2.73
N SER A 1016 -54.66 16.00 2.93
CA SER A 1016 -53.90 16.56 1.82
C SER A 1016 -52.48 16.00 1.76
N ASN A 1017 -52.19 15.00 2.60
CA ASN A 1017 -50.87 14.39 2.62
C ASN A 1017 -50.79 13.16 1.71
N ILE A 1018 -51.87 12.89 0.99
CA ILE A 1018 -52.00 11.64 0.23
C ILE A 1018 -50.94 11.50 -0.87
N SER A 1019 -50.54 12.61 -1.48
CA SER A 1019 -49.51 12.57 -2.52
C SER A 1019 -48.13 12.61 -1.89
N ALA A 1020 -48.08 13.01 -0.62
CA ALA A 1020 -46.85 12.98 0.16
C ALA A 1020 -46.68 11.60 0.78
N VAL A 1021 -47.80 10.91 0.98
CA VAL A 1021 -47.80 9.54 1.46
C VAL A 1021 -47.27 8.60 0.38
N VAL A 1022 -47.82 8.74 -0.82
CA VAL A 1022 -47.45 7.88 -1.95
C VAL A 1022 -46.01 8.09 -2.38
N ASP A 1023 -45.64 9.34 -2.65
CA ASP A 1023 -44.30 9.67 -3.13
C ASP A 1023 -43.22 9.22 -2.16
N SER A 1024 -43.53 9.27 -0.88
CA SER A 1024 -42.61 8.81 0.15
C SER A 1024 -42.25 7.35 -0.07
N VAL A 1025 -43.23 6.57 -0.53
CA VAL A 1025 -43.03 5.15 -0.82
C VAL A 1025 -42.35 4.97 -2.17
N ILE A 1026 -42.79 5.74 -3.16
CA ILE A 1026 -42.23 5.68 -4.51
C ILE A 1026 -40.72 5.96 -4.51
N GLN A 1027 -40.32 7.01 -3.80
CA GLN A 1027 -38.92 7.38 -3.73
C GLN A 1027 -38.09 6.33 -2.99
N ALA A 1028 -38.70 5.68 -2.01
CA ALA A 1028 -38.02 4.64 -1.26
C ALA A 1028 -37.73 3.42 -2.14
N LEU A 1029 -38.75 2.99 -2.88
CA LEU A 1029 -38.62 1.86 -3.78
C LEU A 1029 -37.62 2.15 -4.89
N ASN A 1030 -37.80 3.29 -5.55
CA ASN A 1030 -36.97 3.67 -6.69
C ASN A 1030 -35.50 3.88 -6.32
N GLU A 1031 -35.25 4.29 -5.08
CA GLU A 1031 -33.88 4.51 -4.62
C GLU A 1031 -33.32 3.23 -4.00
N ARG A 1032 -34.14 2.18 -3.98
CA ARG A 1032 -33.75 0.86 -3.49
C ARG A 1032 -33.26 0.89 -2.05
N SER A 1033 -34.06 1.49 -1.17
CA SER A 1033 -33.75 1.49 0.26
C SER A 1033 -34.71 0.57 1.00
N LEU A 1034 -35.92 0.43 0.47
CA LEU A 1034 -36.96 -0.36 1.11
C LEU A 1034 -37.45 -1.53 0.25
N THR A 1035 -37.11 -2.75 0.69
CA THR A 1035 -37.71 -4.01 0.25
C THR A 1035 -36.84 -5.17 0.72
N THR A 1041 -44.50 -4.31 2.49
CA THR A 1041 -45.63 -4.15 1.59
C THR A 1041 -46.57 -3.04 2.05
N VAL A 1042 -45.97 -1.90 2.39
CA VAL A 1042 -46.68 -0.65 2.63
C VAL A 1042 -47.53 -0.31 1.41
N ILE A 1043 -47.09 -0.83 0.26
CA ILE A 1043 -47.82 -0.81 -0.99
C ILE A 1043 -49.28 -1.24 -0.82
N SER A 1044 -49.48 -2.31 -0.05
CA SER A 1044 -50.83 -2.80 0.23
C SER A 1044 -51.65 -1.73 0.93
N SER A 1045 -51.03 -1.04 1.89
CA SER A 1045 -51.70 0.03 2.64
C SER A 1045 -52.02 1.22 1.76
N VAL A 1046 -51.07 1.60 0.91
CA VAL A 1046 -51.22 2.75 0.02
C VAL A 1046 -52.35 2.52 -0.99
N LYS A 1047 -52.40 1.32 -1.56
CA LYS A 1047 -53.42 0.97 -2.54
C LYS A 1047 -54.83 1.06 -1.95
N LYS A 1048 -54.94 0.83 -0.65
CA LYS A 1048 -56.22 0.94 0.03
C LYS A 1048 -56.63 2.39 0.20
N LEU A 1049 -55.65 3.26 0.42
CA LEU A 1049 -55.89 4.69 0.56
C LEU A 1049 -56.38 5.28 -0.74
N LEU A 1050 -55.84 4.78 -1.85
CA LEU A 1050 -56.27 5.20 -3.18
C LEU A 1050 -57.63 4.61 -3.51
N GLY A 1051 -58.01 3.56 -2.79
CA GLY A 1051 -59.28 2.90 -3.01
C GLY A 1051 -60.46 3.71 -2.49
N PHE A 1052 -60.20 4.52 -1.46
CA PHE A 1052 -61.23 5.36 -0.85
C PHE A 1052 -61.41 6.68 -1.59
N LEU A 1053 -60.87 6.75 -2.80
CA LEU A 1053 -61.04 7.89 -3.68
C LEU A 1053 -61.55 7.43 -5.04
N PRO A 1054 -62.36 8.27 -5.69
CA PRO A 1054 -62.77 7.97 -7.08
C PRO A 1054 -61.54 7.89 -7.97
N SER A 1055 -61.57 7.01 -8.96
CA SER A 1055 -60.40 6.71 -9.77
C SER A 1055 -59.71 7.96 -10.30
N SER A 1056 -60.48 8.91 -10.81
CA SER A 1056 -59.95 10.15 -11.37
C SER A 1056 -58.99 10.88 -10.42
N ASP A 1057 -59.30 10.84 -9.14
CA ASP A 1057 -58.42 11.44 -8.13
C ASP A 1057 -57.30 10.48 -7.75
N ALA A 1058 -57.53 9.19 -7.98
CA ALA A 1058 -56.57 8.16 -7.62
C ALA A 1058 -55.39 8.11 -8.59
N MET A 1059 -55.68 8.20 -9.88
CA MET A 1059 -54.64 8.06 -10.90
C MET A 1059 -53.76 9.30 -11.00
N ALA A 1060 -54.35 10.47 -10.79
CA ALA A 1060 -53.66 11.75 -10.97
C ALA A 1060 -52.48 11.95 -10.02
N ILE A 1061 -52.33 11.07 -9.04
CA ILE A 1061 -51.18 11.12 -8.14
C ILE A 1061 -49.89 10.83 -8.90
N PHE A 1062 -49.98 9.91 -9.86
CA PHE A 1062 -48.83 9.53 -10.66
C PHE A 1062 -48.69 10.38 -11.92
N ASN A 1063 -49.30 11.56 -11.90
CA ASN A 1063 -49.26 12.46 -13.05
C ASN A 1063 -48.05 13.39 -13.01
N ARG A 1064 -47.03 13.00 -12.27
CA ARG A 1064 -45.83 13.80 -12.14
C ARG A 1064 -44.58 12.95 -12.38
N TYR A 1065 -44.79 11.63 -12.46
CA TYR A 1065 -43.68 10.70 -12.66
C TYR A 1065 -43.44 10.44 -14.14
N PRO A 1066 -42.16 10.30 -14.53
CA PRO A 1066 -41.81 10.03 -15.93
C PRO A 1066 -41.95 8.55 -16.28
N ALA A 1067 -41.71 8.20 -17.54
CA ALA A 1067 -41.89 6.83 -18.03
C ALA A 1067 -41.07 5.82 -17.25
N ASP A 1068 -39.82 6.19 -16.97
CA ASP A 1068 -38.88 5.37 -16.20
C ASP A 1068 -39.54 4.81 -14.93
N ILE A 1069 -39.97 5.71 -14.06
CA ILE A 1069 -40.50 5.33 -12.76
C ILE A 1069 -41.89 4.70 -12.90
N MET A 1070 -42.66 5.19 -13.87
CA MET A 1070 -44.00 4.66 -14.12
C MET A 1070 -43.96 3.21 -14.61
N GLU A 1071 -42.86 2.82 -15.24
CA GLU A 1071 -42.66 1.43 -15.63
C GLU A 1071 -42.56 0.56 -14.38
N LYS A 1072 -41.82 1.07 -13.39
CA LYS A 1072 -41.63 0.36 -12.13
C LYS A 1072 -42.89 0.40 -11.26
N VAL A 1073 -43.56 1.55 -11.26
CA VAL A 1073 -44.74 1.76 -10.42
C VAL A 1073 -45.83 0.71 -10.64
N HIS A 1074 -46.02 0.31 -11.89
CA HIS A 1074 -47.08 -0.65 -12.22
C HIS A 1074 -46.65 -2.08 -11.89
N LYS A 1075 -45.35 -2.33 -11.95
CA LYS A 1075 -44.79 -3.59 -11.50
C LYS A 1075 -44.51 -3.53 -10.00
N TRP A 1076 -45.25 -2.66 -9.32
CA TRP A 1076 -45.11 -2.45 -7.88
C TRP A 1076 -46.47 -2.50 -7.19
N PHE A 1077 -47.49 -1.94 -7.83
CA PHE A 1077 -48.81 -1.81 -7.22
C PHE A 1077 -49.86 -2.69 -7.87
N ALA A 1078 -51.13 -2.39 -7.59
CA ALA A 1078 -52.25 -3.16 -8.12
C ALA A 1078 -52.63 -2.72 -9.52
N GLY B 31 1.05 -4.10 -21.91
CA GLY B 31 1.01 -3.28 -23.11
C GLY B 31 0.16 -2.04 -22.94
N SER B 32 0.34 -1.35 -21.82
CA SER B 32 -0.35 -0.09 -21.57
C SER B 32 0.65 0.99 -21.20
N ILE B 33 0.16 2.22 -21.02
CA ILE B 33 1.02 3.32 -20.64
C ILE B 33 0.90 3.60 -19.14
N LYS B 34 2.03 3.56 -18.44
CA LYS B 34 2.04 3.73 -16.99
C LYS B 34 3.31 4.42 -16.51
N LYS B 35 3.23 5.02 -15.33
CA LYS B 35 4.38 5.65 -14.71
C LYS B 35 5.20 4.62 -13.95
#